data_6XPY
#
_entry.id   6XPY
#
_cell.length_a   119.070
_cell.length_b   158.190
_cell.length_c   137.410
_cell.angle_alpha   90.000
_cell.angle_beta   90.000
_cell.angle_gamma   90.000
#
_symmetry.space_group_name_H-M   'C 2 2 21'
#
loop_
_entity.id
_entity.type
_entity.pdbx_description
1 polymer Hemagglutinin
2 polymer 'Fab light chain'
3 polymer 'Fab heavy chain'
4 branched beta-D-mannopyranose-(1-4)-2-acetamido-2-deoxy-beta-D-glucopyranose-(1-4)-2-acetamido-2-deoxy-beta-D-glucopyranose
#
loop_
_entity_poly.entity_id
_entity_poly.type
_entity_poly.pdbx_seq_one_letter_code
_entity_poly.pdbx_strand_id
1 'polypeptide(L)'
;TNATELVQNSSIGEICDSPHQILDGENCTLIDALLGDPQCDGFQNKKWDLFVERSKAYSNCYPYDVPDYASLRSLVASSG
TLEFNNESFNWNGVTQNGTSSACIRRSNNSFFSRLNWLTHLNFKYPALNVTMPNNEQFDKLYIWGVHHPVTDKDQIFLYA
QPSGRITVSTKRSQQAVIPNIGFRPRIRNIPSRISIYWTIVKPGDILLINSTGNLIAPRGYFKIRSGKSSIMRSDAPIGK
CKSECITPNGSIPNDKPFQNVNRITYGACPRYVKQSTLKLATGGALEVLFQ
;
A
2 'polypeptide(L)'
;DIQMTQSPSSVSASLGDRVTLTCRASQPIRSYLNWYQHKPGLAPKLLVYAVSNLQSGVPSRFSGSGSGTDFTLTVSSLQP
EDFATYYCQQSYSTPYTFGQGTRLEIKRTVAAPSVFIFPPSDEQLKSGTASVVCLLNNFYPREAKVQWKVDNALQSGNSQ
ESVTEQDSKDSTYSLSSTLTLSKADYEKHKVYACEVTHQGLSSPVTKSFNRGEC
;
C
3 'polypeptide(L)'
;QVQLQESGPGLVKPSETLSLTCTVSGGSLSIYYWSWVRQSPGKGLEWIGYISNSGSPTYHPSLKSRVTISLDTSKSQFSL
KLTSVTAADTALYFCARGVLEQLAPDFDSYYYGMNVWGQGTTVTVSGASTKGPSVFPLAPSSKSTSGGTAALGCLVKDYF
PEPVTVSWNSGALTSGVHTFPAVLQSSGLYSLSSVVTVPSSSLGTQTYICNVNHKPSNTKVDKRVEPKSCDKHHHHHH
;
B
#
loop_
_chem_comp.id
_chem_comp.type
_chem_comp.name
_chem_comp.formula
BMA D-saccharide, beta linking beta-D-mannopyranose 'C6 H12 O6'
NAG D-saccharide, beta linking 2-acetamido-2-deoxy-beta-D-glucopyranose 'C8 H15 N O6'
#
# COMPACT_ATOMS: atom_id res chain seq x y z
N GLU A 5 -5.09 -31.32 43.45
CA GLU A 5 -5.11 -30.06 42.73
C GLU A 5 -4.61 -28.91 43.59
N LEU A 6 -3.34 -28.99 44.00
CA LEU A 6 -2.66 -27.85 44.61
C LEU A 6 -2.44 -26.72 43.62
N VAL A 7 -2.81 -26.92 42.36
CA VAL A 7 -2.72 -25.89 41.33
C VAL A 7 -4.11 -25.32 41.11
N GLN A 8 -4.20 -23.99 41.12
CA GLN A 8 -5.47 -23.29 40.96
C GLN A 8 -5.82 -23.28 39.48
N ASN A 9 -6.67 -24.22 39.05
CA ASN A 9 -6.87 -24.47 37.63
C ASN A 9 -7.54 -23.29 36.92
N SER A 10 -8.30 -22.47 37.64
CA SER A 10 -8.89 -21.27 37.09
C SER A 10 -8.68 -20.12 38.07
N SER A 11 -8.51 -18.92 37.52
CA SER A 11 -8.22 -17.74 38.31
C SER A 11 -9.50 -16.97 38.63
N ILE A 12 -9.34 -15.87 39.37
CA ILE A 12 -10.48 -15.05 39.74
C ILE A 12 -11.09 -14.39 38.51
N GLY A 13 -10.25 -14.03 37.54
CA GLY A 13 -10.71 -13.30 36.38
C GLY A 13 -10.62 -11.80 36.51
N GLU A 14 -10.41 -11.28 37.72
CA GLU A 14 -10.27 -9.86 37.97
C GLU A 14 -9.01 -9.63 38.79
N ILE A 15 -8.47 -8.41 38.69
CA ILE A 15 -7.28 -8.02 39.43
C ILE A 15 -7.70 -7.16 40.62
N CYS A 16 -7.25 -7.54 41.80
CA CYS A 16 -7.61 -6.82 43.03
C CYS A 16 -6.71 -5.60 43.19
N ASP A 17 -7.31 -4.45 43.51
CA ASP A 17 -6.56 -3.23 43.73
C ASP A 17 -5.78 -3.24 45.04
N SER A 18 -5.93 -4.27 45.86
CA SER A 18 -5.23 -4.40 47.13
C SER A 18 -4.49 -5.73 47.18
N PRO A 19 -3.36 -5.79 47.88
CA PRO A 19 -2.71 -4.68 48.59
C PRO A 19 -1.83 -3.82 47.69
N HIS A 20 -1.41 -4.39 46.55
CA HIS A 20 -0.51 -3.68 45.65
C HIS A 20 -1.24 -2.51 44.99
N GLN A 21 -0.59 -1.35 44.99
CA GLN A 21 -1.15 -0.17 44.33
C GLN A 21 -1.15 -0.38 42.82
N ILE A 22 -2.33 -0.54 42.24
CA ILE A 22 -2.48 -0.87 40.83
C ILE A 22 -2.82 0.41 40.07
N LEU A 23 -2.10 0.65 38.98
CA LEU A 23 -2.33 1.79 38.10
C LEU A 23 -2.67 1.26 36.71
N ASP A 24 -3.91 1.50 36.27
CA ASP A 24 -4.36 1.03 34.97
C ASP A 24 -4.00 2.05 33.91
N GLY A 25 -3.39 1.58 32.82
CA GLY A 25 -3.02 2.47 31.73
C GLY A 25 -4.20 2.88 30.87
N GLU A 26 -5.21 2.02 30.79
CA GLU A 26 -6.43 2.29 30.04
C GLU A 26 -6.09 2.59 28.57
N ASN A 27 -6.26 3.85 28.15
CA ASN A 27 -5.90 4.28 26.81
C ASN A 27 -4.46 4.80 26.73
N CYS A 28 -3.56 4.30 27.56
CA CYS A 28 -2.20 4.81 27.59
C CYS A 28 -1.21 3.68 27.86
N THR A 29 -0.09 3.71 27.15
CA THR A 29 1.05 2.86 27.45
C THR A 29 1.97 3.58 28.43
N LEU A 30 2.84 2.78 29.09
CA LEU A 30 3.79 3.38 30.03
C LEU A 30 4.68 4.39 29.35
N ILE A 31 5.09 4.11 28.11
CA ILE A 31 5.99 5.02 27.41
C ILE A 31 5.26 6.29 27.00
N ASP A 32 4.01 6.17 26.54
CA ASP A 32 3.23 7.35 26.19
C ASP A 32 3.02 8.25 27.40
N ALA A 33 2.73 7.66 28.55
CA ALA A 33 2.65 8.45 29.78
C ALA A 33 4.04 8.94 30.19
N LEU A 34 5.08 8.16 29.92
CA LEU A 34 6.44 8.61 30.21
C LEU A 34 6.81 9.83 29.39
N LEU A 35 6.49 9.81 28.09
CA LEU A 35 6.70 10.98 27.26
C LEU A 35 5.68 12.07 27.51
N GLY A 36 4.53 11.72 28.07
CA GLY A 36 3.42 12.64 28.16
C GLY A 36 2.73 12.78 26.83
N ASP A 37 1.70 11.97 26.60
CA ASP A 37 0.81 11.92 25.44
C ASP A 37 -0.49 12.61 25.81
N PRO A 38 -1.04 13.48 24.92
CA PRO A 38 -2.23 14.27 25.27
C PRO A 38 -3.28 13.57 26.13
N GLN A 39 -3.66 12.35 25.76
CA GLN A 39 -4.62 11.60 26.57
C GLN A 39 -4.01 11.04 27.84
N CYS A 40 -2.70 11.19 28.04
CA CYS A 40 -2.01 10.62 29.19
C CYS A 40 -1.53 11.70 30.15
N ASP A 41 -2.21 12.85 30.18
CA ASP A 41 -1.84 13.90 31.11
C ASP A 41 -2.12 13.51 32.55
N GLY A 42 -3.12 12.64 32.78
CA GLY A 42 -3.47 12.24 34.12
C GLY A 42 -2.54 11.23 34.77
N PHE A 43 -1.43 10.89 34.13
CA PHE A 43 -0.47 9.94 34.67
C PHE A 43 0.80 10.61 35.20
N GLN A 44 0.88 11.94 35.16
CA GLN A 44 2.10 12.63 35.56
C GLN A 44 2.33 12.49 37.06
N ASN A 45 3.58 12.19 37.43
CA ASN A 45 4.01 12.15 38.82
C ASN A 45 3.22 11.14 39.65
N LYS A 46 2.72 10.09 39.00
CA LYS A 46 1.83 9.13 39.63
C LYS A 46 2.57 7.81 39.83
N LYS A 47 2.54 7.30 41.06
CA LYS A 47 3.30 6.10 41.43
C LYS A 47 2.47 4.84 41.21
N TRP A 48 3.15 3.69 41.22
CA TRP A 48 2.48 2.40 41.08
C TRP A 48 3.40 1.31 41.59
N ASP A 49 2.80 0.29 42.22
CA ASP A 49 3.50 -0.95 42.50
C ASP A 49 3.43 -1.94 41.35
N LEU A 50 2.42 -1.81 40.50
CA LEU A 50 2.26 -2.65 39.32
C LEU A 50 1.42 -1.88 38.31
N PHE A 51 1.91 -1.79 37.07
CA PHE A 51 1.28 -0.96 36.05
C PHE A 51 0.82 -1.89 34.94
N VAL A 52 -0.49 -1.87 34.69
CA VAL A 52 -1.13 -2.81 33.76
C VAL A 52 -1.36 -2.09 32.43
N GLU A 53 -0.76 -2.62 31.37
CA GLU A 53 -1.00 -2.11 30.03
C GLU A 53 -2.14 -2.88 29.37
N ARG A 54 -2.91 -2.18 28.54
CA ARG A 54 -4.06 -2.74 27.85
C ARG A 54 -3.77 -2.89 26.38
N SER A 55 -4.37 -3.92 25.76
CA SER A 55 -4.23 -4.12 24.32
C SER A 55 -4.89 -2.99 23.53
N LYS A 56 -5.84 -2.28 24.13
CA LYS A 56 -6.58 -1.21 23.47
C LYS A 56 -5.85 0.13 23.52
N ALA A 57 -4.63 0.18 24.04
CA ALA A 57 -3.92 1.44 24.18
C ALA A 57 -3.31 1.86 22.84
N TYR A 58 -3.45 3.13 22.48
CA TYR A 58 -2.82 3.67 21.29
C TYR A 58 -1.88 4.80 21.70
N SER A 59 -1.41 5.53 20.69
CA SER A 59 -0.74 6.81 20.85
C SER A 59 -1.45 7.81 19.96
N ASN A 60 -1.65 9.02 20.46
CA ASN A 60 -2.33 10.06 19.70
C ASN A 60 -1.49 11.33 19.66
N CYS A 61 -0.17 11.16 19.60
CA CYS A 61 0.71 12.32 19.47
C CYS A 61 1.51 12.24 18.17
N TYR A 62 2.77 12.67 18.21
CA TYR A 62 3.58 12.81 17.02
C TYR A 62 4.44 11.55 16.89
N PRO A 63 4.31 10.78 15.81
CA PRO A 63 4.90 9.44 15.77
C PRO A 63 6.39 9.39 16.11
N TYR A 64 6.77 8.36 16.84
CA TYR A 64 8.13 8.19 17.32
C TYR A 64 8.49 6.71 17.26
N ASP A 65 9.64 6.35 17.82
CA ASP A 65 10.03 4.97 18.04
C ASP A 65 11.16 4.94 19.06
N VAL A 66 11.39 3.75 19.62
CA VAL A 66 12.45 3.53 20.59
C VAL A 66 13.26 2.33 20.13
N PRO A 67 14.57 2.47 19.89
CA PRO A 67 15.37 1.31 19.46
C PRO A 67 15.40 0.22 20.52
N ASP A 68 15.88 0.54 21.72
CA ASP A 68 15.92 -0.41 22.82
C ASP A 68 14.69 -0.20 23.70
N TYR A 69 13.54 -0.59 23.12
CA TYR A 69 12.26 -0.44 23.80
C TYR A 69 12.17 -1.27 25.07
N ALA A 70 12.85 -2.42 25.12
CA ALA A 70 12.65 -3.32 26.25
C ALA A 70 13.45 -2.88 27.46
N SER A 71 14.55 -2.16 27.25
CA SER A 71 15.33 -1.64 28.36
C SER A 71 14.60 -0.50 29.05
N LEU A 72 14.10 0.46 28.27
CA LEU A 72 13.45 1.63 28.87
C LEU A 72 12.13 1.26 29.52
N ARG A 73 11.40 0.29 28.96
CA ARG A 73 10.15 -0.14 29.58
C ARG A 73 10.40 -0.79 30.93
N SER A 74 11.51 -1.51 31.06
CA SER A 74 11.82 -2.17 32.32
C SER A 74 12.44 -1.20 33.33
N LEU A 75 13.09 -0.14 32.87
CA LEU A 75 13.60 0.88 33.78
C LEU A 75 12.45 1.56 34.52
N VAL A 76 11.51 2.14 33.78
CA VAL A 76 10.42 2.88 34.39
C VAL A 76 9.54 1.95 35.23
N ALA A 77 9.40 0.70 34.80
CA ALA A 77 8.61 -0.26 35.56
C ALA A 77 9.27 -0.58 36.90
N SER A 78 10.60 -0.75 36.91
CA SER A 78 11.28 -1.11 38.15
C SER A 78 11.27 0.03 39.15
N SER A 79 11.22 1.27 38.68
CA SER A 79 11.18 2.41 39.60
C SER A 79 9.79 2.60 40.18
N GLY A 80 8.75 2.39 39.37
CA GLY A 80 7.39 2.56 39.81
C GLY A 80 6.94 4.00 39.95
N THR A 81 7.68 4.96 39.41
CA THR A 81 7.36 6.37 39.56
C THR A 81 7.58 7.11 38.24
N LEU A 82 6.63 7.98 37.90
CA LEU A 82 6.77 8.89 36.77
C LEU A 82 7.10 10.30 37.21
N GLU A 83 7.47 10.49 38.47
CA GLU A 83 7.86 11.79 39.00
C GLU A 83 9.08 12.33 38.28
N PHE A 84 8.93 13.42 37.55
CA PHE A 84 10.07 14.14 37.02
C PHE A 84 10.13 15.53 37.65
N ASN A 85 11.32 16.11 37.63
CA ASN A 85 11.53 17.50 38.02
C ASN A 85 12.07 18.26 36.83
N ASN A 86 11.46 19.41 36.54
CA ASN A 86 11.95 20.25 35.44
C ASN A 86 13.24 20.94 35.84
N GLU A 87 14.25 20.81 35.00
CA GLU A 87 15.48 21.55 35.20
C GLU A 87 15.57 22.58 34.08
N SER A 88 16.04 23.78 34.42
CA SER A 88 16.09 24.88 33.46
C SER A 88 17.38 24.79 32.66
N PHE A 89 17.31 24.22 31.46
CA PHE A 89 18.47 24.20 30.58
C PHE A 89 18.64 25.55 29.91
N ASN A 90 19.85 25.79 29.41
CA ASN A 90 20.23 27.04 28.77
C ASN A 90 20.11 26.85 27.26
N TRP A 91 18.93 27.16 26.72
CA TRP A 91 18.70 27.03 25.28
C TRP A 91 18.73 28.40 24.61
N ASN A 92 19.89 29.04 24.69
CA ASN A 92 20.07 30.35 24.04
C ASN A 92 20.31 30.16 22.55
N GLY A 93 19.61 30.93 21.74
CA GLY A 93 19.78 30.92 20.30
C GLY A 93 18.87 29.99 19.54
N VAL A 94 17.89 29.37 20.21
CA VAL A 94 17.00 28.42 19.57
C VAL A 94 15.56 28.75 19.97
N THR A 95 14.62 28.22 19.18
CA THR A 95 13.20 28.39 19.45
C THR A 95 12.67 27.15 20.16
N GLN A 96 11.98 27.36 21.27
CA GLN A 96 11.52 26.28 22.13
C GLN A 96 10.02 26.04 21.93
N ASN A 97 9.54 24.97 22.56
CA ASN A 97 8.12 24.61 22.57
C ASN A 97 7.56 24.47 21.16
N GLY A 98 8.19 23.59 20.38
CA GLY A 98 7.68 23.30 19.05
C GLY A 98 6.42 22.46 19.13
N THR A 99 5.43 22.83 18.33
CA THR A 99 4.13 22.17 18.33
C THR A 99 3.86 21.53 16.98
N SER A 100 2.92 20.58 16.99
CA SER A 100 2.52 19.87 15.79
C SER A 100 1.01 19.64 15.82
N SER A 101 0.42 19.51 14.63
CA SER A 101 -1.02 19.27 14.51
C SER A 101 -1.40 17.83 14.82
N ALA A 102 -0.43 16.94 15.00
CA ALA A 102 -0.69 15.54 15.31
C ALA A 102 -0.69 15.25 16.79
N CYS A 103 -0.46 16.25 17.64
CA CYS A 103 -0.35 16.07 19.08
C CYS A 103 -1.21 17.16 19.73
N ILE A 104 -2.52 16.91 19.78
CA ILE A 104 -3.50 17.90 20.17
C ILE A 104 -3.72 17.81 21.68
N ARG A 105 -3.32 18.85 22.40
CA ARG A 105 -3.60 18.99 23.83
C ARG A 105 -4.55 20.16 24.04
N ARG A 106 -5.60 19.92 24.83
CA ARG A 106 -6.55 20.97 25.21
C ARG A 106 -7.11 21.65 23.96
N SER A 107 -7.36 20.84 22.92
CA SER A 107 -7.87 21.30 21.63
C SER A 107 -6.95 22.35 21.00
N ASN A 108 -5.64 22.04 21.02
CA ASN A 108 -4.64 22.97 20.51
C ASN A 108 -3.42 22.18 20.05
N ASN A 109 -2.68 22.76 19.10
CA ASN A 109 -1.42 22.16 18.68
C ASN A 109 -0.43 22.19 19.84
N SER A 110 0.05 21.00 20.23
CA SER A 110 1.03 20.91 21.30
C SER A 110 2.08 19.85 20.98
N PHE A 111 2.67 19.26 22.02
CA PHE A 111 3.74 18.29 21.86
C PHE A 111 3.77 17.44 23.12
N PHE A 112 4.73 16.52 23.19
CA PHE A 112 4.91 15.73 24.39
C PHE A 112 5.21 16.65 25.57
N SER A 113 4.48 16.45 26.67
CA SER A 113 4.56 17.36 27.80
C SER A 113 5.95 17.39 28.43
N ARG A 114 6.74 16.33 28.28
CA ARG A 114 8.05 16.23 28.88
C ARG A 114 9.18 16.36 27.86
N LEU A 115 8.87 16.81 26.65
CA LEU A 115 9.85 17.00 25.60
C LEU A 115 9.73 18.40 25.03
N ASN A 116 10.87 19.01 24.75
CA ASN A 116 10.94 20.37 24.19
C ASN A 116 11.54 20.26 22.79
N TRP A 117 10.74 20.55 21.77
CA TRP A 117 11.16 20.40 20.39
C TRP A 117 11.79 21.70 19.91
N LEU A 118 13.07 21.63 19.55
CA LEU A 118 13.89 22.82 19.29
C LEU A 118 13.99 23.06 17.79
N THR A 119 13.71 24.29 17.38
CA THR A 119 13.88 24.74 16.00
C THR A 119 14.85 25.92 15.98
N HIS A 120 15.09 26.45 14.78
CA HIS A 120 16.04 27.53 14.63
C HIS A 120 15.47 28.84 15.16
N LEU A 121 16.36 29.81 15.36
CA LEU A 121 16.00 31.16 15.78
C LEU A 121 16.58 32.13 14.75
N ASN A 122 15.70 32.78 13.99
CA ASN A 122 16.11 33.69 12.92
C ASN A 122 17.00 32.98 11.90
N PHE A 123 16.63 31.75 11.56
CA PHE A 123 17.37 30.91 10.62
C PHE A 123 18.84 30.80 11.01
N LYS A 124 19.06 30.53 12.29
CA LYS A 124 20.40 30.23 12.80
C LYS A 124 20.21 29.35 14.04
N TYR A 125 20.81 28.16 14.01
CA TYR A 125 20.65 27.18 15.07
C TYR A 125 22.04 26.71 15.45
N PRO A 126 22.65 27.32 16.46
CA PRO A 126 24.08 27.12 16.71
C PRO A 126 24.37 25.77 17.33
N ALA A 127 25.66 25.44 17.35
CA ALA A 127 26.12 24.30 18.14
C ALA A 127 25.87 24.57 19.62
N LEU A 128 25.20 23.64 20.27
CA LEU A 128 24.75 23.82 21.65
C LEU A 128 25.65 23.04 22.60
N ASN A 129 26.21 23.75 23.58
CA ASN A 129 27.01 23.17 24.65
C ASN A 129 26.25 23.39 25.95
N VAL A 130 25.72 22.32 26.52
CA VAL A 130 24.80 22.39 27.65
C VAL A 130 25.27 21.40 28.72
N THR A 131 25.32 21.87 29.97
CA THR A 131 25.81 21.08 31.08
C THR A 131 24.75 20.98 32.17
N MET A 132 24.63 19.80 32.76
CA MET A 132 23.69 19.57 33.83
C MET A 132 24.39 18.73 34.90
N PRO A 133 24.41 19.18 36.16
CA PRO A 133 25.34 18.59 37.14
C PRO A 133 24.90 17.28 37.78
N ASN A 134 23.61 17.14 38.10
CA ASN A 134 23.11 16.02 38.90
C ASN A 134 23.85 15.97 40.24
N ASN A 135 23.49 16.88 41.14
CA ASN A 135 24.09 16.94 42.47
C ASN A 135 23.40 16.01 43.47
N GLU A 136 22.48 15.17 43.03
CA GLU A 136 21.73 14.31 43.91
C GLU A 136 22.48 13.00 44.14
N GLN A 137 21.87 12.11 44.92
CA GLN A 137 22.45 10.81 45.27
C GLN A 137 21.62 9.67 44.71
N PHE A 138 21.08 9.86 43.52
CA PHE A 138 20.17 8.89 42.92
C PHE A 138 20.16 9.07 41.40
N ASP A 139 19.99 7.95 40.70
CA ASP A 139 20.20 7.93 39.26
C ASP A 139 19.12 8.74 38.53
N LYS A 140 19.56 9.66 37.68
CA LYS A 140 18.65 10.43 36.84
C LYS A 140 18.44 9.70 35.51
N LEU A 141 17.20 9.73 35.04
CA LEU A 141 16.84 9.15 33.75
C LEU A 141 16.37 10.28 32.84
N TYR A 142 17.15 10.55 31.80
CA TYR A 142 16.82 11.59 30.83
C TYR A 142 16.23 10.95 29.57
N ILE A 143 15.17 11.56 29.05
CA ILE A 143 14.48 11.08 27.87
C ILE A 143 14.57 12.15 26.80
N TRP A 144 15.32 11.88 25.74
CA TRP A 144 15.54 12.81 24.64
C TRP A 144 15.27 12.11 23.32
N GLY A 145 15.19 12.90 22.25
CA GLY A 145 14.79 12.39 20.96
C GLY A 145 15.52 13.05 19.82
N VAL A 146 15.45 12.41 18.65
CA VAL A 146 16.05 12.90 17.42
C VAL A 146 14.97 12.90 16.34
N HIS A 147 14.74 14.06 15.73
CA HIS A 147 13.69 14.21 14.72
C HIS A 147 14.23 13.87 13.35
N HIS A 148 13.47 13.05 12.61
CA HIS A 148 13.83 12.66 11.24
C HIS A 148 12.91 13.37 10.26
N PRO A 149 13.35 14.45 9.61
CA PRO A 149 12.48 15.13 8.63
C PRO A 149 12.17 14.27 7.42
N VAL A 150 11.33 14.79 6.53
CA VAL A 150 10.89 14.02 5.37
C VAL A 150 11.69 14.43 4.13
N THR A 151 12.07 15.70 4.05
CA THR A 151 12.80 16.22 2.90
C THR A 151 13.97 17.07 3.37
N ASP A 152 14.88 17.34 2.45
CA ASP A 152 15.92 18.32 2.72
C ASP A 152 15.33 19.71 2.93
N LYS A 153 14.20 19.99 2.27
CA LYS A 153 13.48 21.23 2.51
C LYS A 153 13.04 21.33 3.97
N ASP A 154 12.41 20.27 4.48
CA ASP A 154 11.93 20.28 5.86
C ASP A 154 13.08 20.39 6.84
N GLN A 155 14.19 19.69 6.57
CA GLN A 155 15.38 19.80 7.42
C GLN A 155 15.92 21.23 7.44
N ILE A 156 15.80 21.95 6.33
CA ILE A 156 16.34 23.30 6.24
C ILE A 156 15.44 24.29 6.96
N PHE A 157 14.12 24.24 6.70
CA PHE A 157 13.21 25.18 7.31
C PHE A 157 13.10 25.01 8.82
N LEU A 158 13.40 23.83 9.36
CA LEU A 158 13.23 23.59 10.79
C LEU A 158 14.48 23.93 11.58
N TYR A 159 15.67 23.64 11.05
CA TYR A 159 16.89 23.74 11.82
C TYR A 159 17.99 24.58 11.16
N ALA A 160 17.79 25.04 9.93
CA ALA A 160 18.79 25.84 9.22
C ALA A 160 20.14 25.13 9.20
N GLN A 161 20.10 23.82 8.99
CA GLN A 161 21.29 22.97 9.01
C GLN A 161 21.01 21.69 8.25
N PRO A 162 21.70 21.46 7.12
CA PRO A 162 21.40 20.25 6.34
C PRO A 162 21.78 18.96 7.03
N SER A 163 22.86 18.95 7.81
CA SER A 163 23.33 17.74 8.48
C SER A 163 23.39 18.00 9.98
N GLY A 164 22.35 17.57 10.69
CA GLY A 164 22.34 17.72 12.14
C GLY A 164 23.08 16.59 12.84
N ARG A 165 23.64 16.91 14.00
CA ARG A 165 24.39 15.95 14.80
C ARG A 165 24.03 16.14 16.26
N ILE A 166 23.91 15.02 16.99
CA ILE A 166 23.54 15.03 18.40
C ILE A 166 24.46 14.06 19.13
N THR A 167 25.02 14.51 20.27
CA THR A 167 25.99 13.71 21.03
C THR A 167 25.73 13.90 22.52
N VAL A 168 24.83 13.09 23.07
CA VAL A 168 24.57 13.08 24.51
C VAL A 168 25.65 12.27 25.19
N SER A 169 26.38 12.91 26.10
CA SER A 169 27.55 12.29 26.71
C SER A 169 27.60 12.60 28.20
N THR A 170 28.13 11.65 28.95
CA THR A 170 28.47 11.82 30.36
C THR A 170 29.95 11.49 30.55
N LYS A 171 30.42 11.56 31.80
CA LYS A 171 31.79 11.17 32.08
C LYS A 171 32.02 9.68 31.86
N ARG A 172 30.95 8.89 31.88
CA ARG A 172 31.01 7.44 31.74
C ARG A 172 30.53 6.93 30.39
N SER A 173 29.55 7.60 29.79
CA SER A 173 28.91 7.15 28.56
C SER A 173 29.04 8.21 27.48
N GLN A 174 28.72 7.80 26.25
CA GLN A 174 28.75 8.71 25.11
C GLN A 174 27.87 8.14 24.01
N GLN A 175 26.80 8.85 23.66
CA GLN A 175 25.87 8.44 22.63
C GLN A 175 25.82 9.49 21.53
N ALA A 176 25.84 9.02 20.27
CA ALA A 176 25.73 9.89 19.11
C ALA A 176 24.68 9.35 18.17
N VAL A 177 23.81 10.23 17.69
CA VAL A 177 22.73 9.86 16.78
C VAL A 177 22.76 10.78 15.58
N ILE A 178 22.44 10.24 14.41
CA ILE A 178 22.42 10.96 13.16
C ILE A 178 21.00 10.86 12.59
N PRO A 179 20.39 11.97 12.18
CA PRO A 179 19.05 11.90 11.60
C PRO A 179 19.02 11.13 10.29
N ASN A 180 17.82 10.74 9.89
CA ASN A 180 17.59 9.94 8.69
C ASN A 180 16.45 10.58 7.90
N ILE A 181 16.81 11.54 7.03
CA ILE A 181 15.81 12.21 6.21
C ILE A 181 15.31 11.27 5.13
N GLY A 182 14.00 11.31 4.87
CA GLY A 182 13.43 10.47 3.84
C GLY A 182 11.91 10.46 3.84
N PHE A 183 11.30 10.06 2.73
CA PHE A 183 9.85 9.98 2.63
C PHE A 183 9.36 8.74 3.36
N ARG A 184 8.40 8.95 4.27
CA ARG A 184 7.90 7.93 5.14
C ARG A 184 6.37 7.99 5.13
N PRO A 185 5.70 6.83 5.19
CA PRO A 185 4.23 6.84 5.13
C PRO A 185 3.62 7.72 6.22
N ARG A 186 2.58 8.47 5.84
CA ARG A 186 1.97 9.44 6.75
C ARG A 186 1.37 8.74 7.97
N ILE A 187 1.64 9.30 9.14
CA ILE A 187 1.05 8.83 10.40
C ILE A 187 0.24 9.97 10.97
N ARG A 188 -1.09 9.84 10.92
CA ARG A 188 -1.99 10.91 11.35
C ARG A 188 -1.65 12.21 10.61
N ASN A 189 -1.43 12.07 9.30
CA ASN A 189 -1.07 13.17 8.41
C ASN A 189 0.33 13.71 8.70
N ILE A 190 1.25 12.81 9.07
CA ILE A 190 2.63 13.19 9.35
C ILE A 190 3.59 12.20 8.71
N PRO A 191 4.42 12.63 7.75
CA PRO A 191 5.43 11.75 7.17
C PRO A 191 6.79 11.78 7.86
N SER A 192 6.95 12.53 8.93
CA SER A 192 8.21 12.60 9.66
C SER A 192 8.12 11.79 10.95
N ARG A 193 9.29 11.50 11.53
CA ARG A 193 9.38 10.64 12.71
C ARG A 193 10.29 11.28 13.77
N ILE A 194 10.38 10.61 14.91
CA ILE A 194 11.27 10.97 16.00
C ILE A 194 11.83 9.68 16.60
N SER A 195 13.12 9.67 16.90
CA SER A 195 13.76 8.52 17.54
C SER A 195 14.07 8.86 18.98
N ILE A 196 13.55 8.07 19.91
CA ILE A 196 13.66 8.32 21.34
C ILE A 196 14.83 7.55 21.91
N TYR A 197 15.65 8.21 22.72
CA TYR A 197 16.77 7.60 23.40
C TYR A 197 16.78 8.06 24.86
N TRP A 198 17.47 7.28 25.70
CA TRP A 198 17.55 7.58 27.12
C TRP A 198 19.01 7.56 27.57
N THR A 199 19.27 8.26 28.67
CA THR A 199 20.62 8.37 29.21
C THR A 199 20.53 8.40 30.73
N ILE A 200 21.25 7.48 31.39
CA ILE A 200 21.34 7.46 32.84
C ILE A 200 22.54 8.29 33.26
N VAL A 201 22.29 9.30 34.08
CA VAL A 201 23.34 10.14 34.63
C VAL A 201 23.46 9.80 36.12
N LYS A 202 24.55 9.13 36.48
CA LYS A 202 24.73 8.69 37.85
C LYS A 202 25.12 9.85 38.75
N PRO A 203 24.92 9.71 40.07
CA PRO A 203 25.24 10.81 40.99
C PRO A 203 26.71 11.20 40.89
N GLY A 204 26.94 12.51 40.76
CA GLY A 204 28.27 13.05 40.57
C GLY A 204 28.71 13.16 39.13
N ASP A 205 28.00 12.53 38.20
CA ASP A 205 28.34 12.57 36.79
C ASP A 205 27.59 13.72 36.12
N ILE A 206 28.16 14.22 35.03
CA ILE A 206 27.68 15.42 34.36
C ILE A 206 27.03 15.02 33.03
N LEU A 207 25.93 15.69 32.70
CA LEU A 207 25.24 15.50 31.43
C LEU A 207 25.66 16.59 30.46
N LEU A 208 26.16 16.20 29.29
CA LEU A 208 26.60 17.13 28.26
C LEU A 208 25.86 16.84 26.97
N ILE A 209 25.27 17.88 26.39
CA ILE A 209 24.55 17.79 25.12
C ILE A 209 25.25 18.69 24.12
N ASN A 210 25.71 18.10 23.02
CA ASN A 210 26.25 18.82 21.87
C ASN A 210 25.35 18.54 20.68
N SER A 211 24.63 19.55 20.22
CA SER A 211 23.66 19.37 19.15
C SER A 211 23.76 20.53 18.15
N THR A 212 23.45 20.21 16.89
CA THR A 212 23.42 21.20 15.81
C THR A 212 22.11 21.18 15.06
N GLY A 213 21.14 20.39 15.50
CA GLY A 213 19.88 20.26 14.81
C GLY A 213 19.19 18.97 15.15
N ASN A 214 17.89 18.92 14.83
CA ASN A 214 17.10 17.68 14.90
C ASN A 214 16.99 17.15 16.32
N LEU A 215 17.08 18.01 17.33
CA LEU A 215 17.10 17.58 18.72
C LEU A 215 15.73 17.78 19.35
N ILE A 216 15.17 16.70 19.89
CA ILE A 216 14.00 16.76 20.75
C ILE A 216 14.54 16.80 22.18
N ALA A 217 14.64 18.01 22.73
CA ALA A 217 15.33 18.19 24.00
C ALA A 217 14.46 17.73 25.18
N PRO A 218 15.10 17.18 26.21
CA PRO A 218 14.35 16.83 27.43
C PRO A 218 14.09 18.06 28.29
N ARG A 219 13.00 17.99 29.05
CA ARG A 219 12.65 19.04 29.99
C ARG A 219 13.01 18.72 31.43
N GLY A 220 13.35 17.47 31.72
CA GLY A 220 13.73 17.11 33.08
C GLY A 220 14.25 15.69 33.14
N TYR A 221 14.47 15.23 34.38
CA TYR A 221 14.98 13.89 34.66
C TYR A 221 13.92 13.14 35.43
N PHE A 222 14.09 11.81 35.51
CA PHE A 222 13.23 10.98 36.34
C PHE A 222 14.06 10.25 37.41
N LYS A 223 13.39 9.93 38.50
CA LYS A 223 14.02 9.26 39.63
C LYS A 223 13.88 7.76 39.46
N ILE A 224 15.01 7.04 39.40
CA ILE A 224 15.03 5.60 39.25
C ILE A 224 15.82 5.01 40.41
N ARG A 225 15.30 3.94 41.01
CA ARG A 225 16.01 3.24 42.07
C ARG A 225 15.95 1.72 41.92
N SER A 226 15.38 1.21 40.82
CA SER A 226 15.22 -0.22 40.57
C SER A 226 14.52 -0.88 41.76
N GLY A 227 13.34 -0.35 42.08
CA GLY A 227 12.58 -0.79 43.24
C GLY A 227 11.83 -2.09 43.01
N LYS A 228 10.74 -2.25 43.76
CA LYS A 228 9.97 -3.48 43.76
C LYS A 228 8.92 -3.54 42.66
N SER A 229 8.57 -2.40 42.07
CA SER A 229 7.50 -2.35 41.09
C SER A 229 7.90 -3.03 39.78
N SER A 230 6.90 -3.28 38.94
CA SER A 230 7.09 -3.95 37.65
C SER A 230 5.94 -3.55 36.73
N ILE A 231 5.85 -4.23 35.57
CA ILE A 231 4.83 -3.95 34.57
C ILE A 231 4.30 -5.27 34.02
N MET A 232 3.02 -5.27 33.65
CA MET A 232 2.37 -6.46 33.12
C MET A 232 1.34 -6.05 32.08
N ARG A 233 1.11 -6.92 31.11
CA ARG A 233 0.11 -6.74 30.07
C ARG A 233 -1.07 -7.66 30.35
N SER A 234 -2.28 -7.09 30.40
CA SER A 234 -3.46 -7.88 30.70
C SER A 234 -4.69 -7.11 30.27
N ASP A 235 -5.80 -7.84 30.14
CA ASP A 235 -7.09 -7.25 29.81
C ASP A 235 -8.14 -7.50 30.89
N ALA A 236 -7.80 -8.22 31.96
CA ALA A 236 -8.75 -8.46 33.03
C ALA A 236 -9.03 -7.15 33.77
N PRO A 237 -10.30 -6.87 34.08
CA PRO A 237 -10.63 -5.60 34.75
C PRO A 237 -10.06 -5.54 36.15
N ILE A 238 -10.06 -4.33 36.69
CA ILE A 238 -9.59 -4.05 38.06
C ILE A 238 -10.79 -4.03 38.97
N GLY A 239 -10.85 -4.98 39.91
CA GLY A 239 -11.96 -5.09 40.83
C GLY A 239 -11.61 -4.63 42.23
N LYS A 240 -12.65 -4.51 43.05
CA LYS A 240 -12.51 -4.09 44.44
C LYS A 240 -12.41 -5.33 45.32
N CYS A 241 -11.19 -5.75 45.62
CA CYS A 241 -10.93 -6.94 46.41
C CYS A 241 -9.49 -6.89 46.91
N LYS A 242 -9.11 -7.92 47.65
CA LYS A 242 -7.76 -8.02 48.22
C LYS A 242 -7.17 -9.37 47.87
N SER A 243 -6.00 -9.36 47.23
CA SER A 243 -5.34 -10.60 46.84
C SER A 243 -3.85 -10.34 46.69
N GLU A 244 -3.04 -11.19 47.32
CA GLU A 244 -1.59 -11.04 47.25
C GLU A 244 -1.08 -11.22 45.82
N CYS A 245 -1.50 -12.29 45.17
CA CYS A 245 -0.97 -12.64 43.86
C CYS A 245 -1.79 -12.01 42.74
N ILE A 246 -1.10 -11.69 41.64
CA ILE A 246 -1.71 -11.07 40.47
C ILE A 246 -1.12 -11.71 39.22
N THR A 247 -1.98 -12.12 38.30
CA THR A 247 -1.61 -12.71 37.02
C THR A 247 -2.37 -12.00 35.92
N PRO A 248 -1.89 -12.11 34.66
CA PRO A 248 -2.62 -11.45 33.56
C PRO A 248 -4.03 -11.98 33.35
N ASN A 249 -4.39 -13.10 33.98
CA ASN A 249 -5.74 -13.64 33.91
C ASN A 249 -6.60 -13.25 35.11
N GLY A 250 -6.06 -12.43 36.01
CA GLY A 250 -6.77 -12.03 37.21
C GLY A 250 -5.97 -12.37 38.46
N SER A 251 -6.51 -11.91 39.60
CA SER A 251 -5.87 -12.16 40.88
C SER A 251 -5.97 -13.64 41.25
N ILE A 252 -5.16 -14.03 42.23
CA ILE A 252 -5.05 -15.42 42.67
C ILE A 252 -4.73 -15.48 44.16
N PRO A 253 -5.49 -16.23 44.96
CA PRO A 253 -5.10 -16.44 46.35
C PRO A 253 -3.82 -17.26 46.46
N ASN A 254 -2.99 -16.91 47.43
CA ASN A 254 -1.70 -17.57 47.62
C ASN A 254 -1.74 -18.58 48.77
N ASP A 255 -2.76 -19.42 48.80
CA ASP A 255 -2.86 -20.45 49.83
C ASP A 255 -2.43 -21.83 49.37
N LYS A 256 -2.45 -22.08 48.06
CA LYS A 256 -1.97 -23.32 47.44
C LYS A 256 -0.51 -23.16 47.01
N PRO A 257 0.31 -24.21 47.12
CA PRO A 257 1.73 -24.07 46.86
C PRO A 257 2.12 -24.11 45.38
N PHE A 258 1.18 -24.25 44.46
CA PHE A 258 1.51 -24.31 43.04
C PHE A 258 0.42 -23.62 42.23
N GLN A 259 0.63 -23.56 40.92
CA GLN A 259 -0.18 -22.71 40.04
C GLN A 259 0.17 -23.01 38.58
N ASN A 260 -0.82 -22.88 37.70
CA ASN A 260 -0.59 -23.01 36.27
C ASN A 260 -1.30 -21.96 35.43
N VAL A 261 -1.94 -20.96 36.05
CA VAL A 261 -2.76 -20.01 35.31
C VAL A 261 -1.93 -19.28 34.26
N ASN A 262 -0.81 -18.72 34.68
CA ASN A 262 0.08 -18.03 33.75
C ASN A 262 1.47 -17.96 34.37
N ARG A 263 2.49 -18.02 33.51
CA ARG A 263 3.87 -18.01 33.96
C ARG A 263 4.33 -16.62 34.41
N ILE A 264 3.53 -15.58 34.17
CA ILE A 264 3.83 -14.23 34.63
C ILE A 264 3.03 -13.96 35.90
N THR A 265 3.73 -13.58 36.97
CA THR A 265 3.10 -13.32 38.26
C THR A 265 3.72 -12.07 38.89
N TYR A 266 3.17 -11.67 40.03
CA TYR A 266 3.68 -10.53 40.78
C TYR A 266 3.26 -10.66 42.23
N GLY A 267 4.21 -10.48 43.14
CA GLY A 267 3.92 -10.53 44.57
C GLY A 267 4.05 -11.94 45.12
N ALA A 268 3.42 -12.14 46.28
CA ALA A 268 3.41 -13.45 46.91
C ALA A 268 2.56 -14.42 46.09
N CYS A 269 3.17 -15.05 45.10
CA CYS A 269 2.47 -15.95 44.19
C CYS A 269 2.97 -17.37 44.33
N PRO A 270 2.10 -18.36 44.14
CA PRO A 270 2.56 -19.75 44.10
C PRO A 270 3.46 -19.99 42.90
N ARG A 271 4.35 -20.97 43.04
CA ARG A 271 5.29 -21.30 41.97
C ARG A 271 4.53 -21.87 40.77
N TYR A 272 4.95 -21.45 39.58
CA TYR A 272 4.27 -21.89 38.35
C TYR A 272 4.70 -23.30 37.97
N VAL A 273 3.73 -24.10 37.55
CA VAL A 273 3.97 -25.36 36.86
C VAL A 273 3.11 -25.36 35.60
N LYS A 274 3.47 -26.23 34.66
CA LYS A 274 2.73 -26.29 33.42
C LYS A 274 1.45 -27.10 33.59
N GLN A 275 0.61 -27.07 32.56
CA GLN A 275 -0.67 -27.76 32.55
C GLN A 275 -0.53 -29.23 32.92
N ASP B 1 3.10 -19.79 4.04
CA ASP B 1 2.84 -20.38 5.34
C ASP B 1 1.67 -19.71 6.02
N ILE B 2 1.47 -18.42 5.76
CA ILE B 2 0.49 -17.61 6.45
C ILE B 2 -0.27 -16.79 5.42
N GLN B 3 -1.57 -17.03 5.30
CA GLN B 3 -2.43 -16.43 4.29
C GLN B 3 -3.44 -15.49 4.93
N MET B 4 -4.24 -14.83 4.08
CA MET B 4 -5.40 -14.08 4.52
C MET B 4 -6.59 -14.36 3.62
N THR B 5 -7.65 -13.58 3.77
CA THR B 5 -8.85 -13.71 2.95
C THR B 5 -9.63 -12.41 3.02
N GLN B 6 -9.93 -11.82 1.87
CA GLN B 6 -10.65 -10.56 1.80
C GLN B 6 -12.06 -10.82 1.28
N SER B 7 -13.06 -10.31 2.00
CA SER B 7 -14.45 -10.42 1.61
C SER B 7 -15.07 -9.04 1.45
N PRO B 8 -15.88 -8.82 0.39
CA PRO B 8 -16.24 -9.81 -0.63
C PRO B 8 -15.19 -9.94 -1.73
N SER B 9 -15.55 -10.65 -2.80
CA SER B 9 -14.67 -10.79 -3.96
C SER B 9 -14.95 -9.75 -5.03
N SER B 10 -16.24 -9.41 -5.24
CA SER B 10 -16.64 -8.40 -6.21
C SER B 10 -18.10 -8.01 -5.97
N VAL B 11 -18.35 -6.74 -5.67
CA VAL B 11 -19.68 -6.27 -5.32
C VAL B 11 -19.93 -4.92 -5.98
N SER B 12 -21.13 -4.74 -6.51
CA SER B 12 -21.55 -3.46 -7.08
C SER B 12 -22.27 -2.62 -6.03
N ALA B 13 -22.03 -1.31 -6.07
CA ALA B 13 -22.64 -0.39 -5.13
C ALA B 13 -22.80 0.97 -5.81
N SER B 14 -23.99 1.55 -5.69
CA SER B 14 -24.35 2.72 -6.49
C SER B 14 -23.55 3.95 -6.08
N LEU B 15 -23.69 5.00 -6.89
CA LEU B 15 -23.07 6.28 -6.61
C LEU B 15 -23.69 6.90 -5.36
N GLY B 16 -22.84 7.28 -4.40
CA GLY B 16 -23.30 7.90 -3.18
C GLY B 16 -23.60 6.94 -2.04
N ASP B 17 -23.56 5.63 -2.29
CA ASP B 17 -23.80 4.66 -1.23
C ASP B 17 -22.59 4.57 -0.30
N ARG B 18 -22.53 3.49 0.49
CA ARG B 18 -21.46 3.31 1.47
C ARG B 18 -21.12 1.82 1.50
N VAL B 19 -19.93 1.47 1.03
CA VAL B 19 -19.52 0.08 0.88
C VAL B 19 -18.44 -0.22 1.92
N THR B 20 -18.39 -1.48 2.35
CA THR B 20 -17.42 -1.94 3.33
C THR B 20 -16.76 -3.21 2.83
N LEU B 21 -15.43 -3.20 2.75
CA LEU B 21 -14.65 -4.36 2.31
C LEU B 21 -13.85 -4.89 3.50
N THR B 22 -13.99 -6.18 3.78
CA THR B 22 -13.42 -6.80 4.97
C THR B 22 -12.30 -7.75 4.60
N CYS B 23 -11.17 -7.64 5.30
CA CYS B 23 -10.02 -8.52 5.12
C CYS B 23 -9.91 -9.41 6.36
N ARG B 24 -10.03 -10.72 6.17
CA ARG B 24 -9.94 -11.68 7.25
C ARG B 24 -8.57 -12.32 7.25
N ALA B 25 -8.02 -12.56 8.45
CA ALA B 25 -6.68 -13.09 8.59
C ALA B 25 -6.70 -14.49 9.19
N SER B 26 -5.60 -15.21 9.00
CA SER B 26 -5.45 -16.53 9.61
C SER B 26 -5.13 -16.40 11.10
N GLN B 27 -4.26 -15.47 11.46
CA GLN B 27 -3.85 -15.23 12.84
C GLN B 27 -4.01 -13.77 13.16
N PRO B 28 -4.18 -13.43 14.45
CA PRO B 28 -4.31 -12.00 14.81
C PRO B 28 -3.05 -11.22 14.47
N ILE B 29 -3.27 -10.04 13.89
CA ILE B 29 -2.19 -9.21 13.36
C ILE B 29 -2.07 -7.88 14.09
N ARG B 30 -2.97 -7.60 15.04
CA ARG B 30 -3.08 -6.30 15.67
C ARG B 30 -3.35 -5.22 14.63
N SER B 31 -2.29 -4.56 14.14
CA SER B 31 -2.45 -3.51 13.13
C SER B 31 -1.37 -3.60 12.06
N TYR B 32 -0.81 -4.79 11.84
CA TYR B 32 0.25 -5.00 10.86
C TYR B 32 -0.35 -5.33 9.49
N LEU B 33 -1.15 -4.40 8.98
CA LEU B 33 -1.88 -4.62 7.73
C LEU B 33 -1.92 -3.32 6.96
N ASN B 34 -2.13 -3.42 5.65
CA ASN B 34 -2.17 -2.25 4.78
C ASN B 34 -3.18 -2.48 3.67
N TRP B 35 -3.58 -1.37 3.03
CA TRP B 35 -4.56 -1.39 1.95
C TRP B 35 -4.02 -0.57 0.78
N TYR B 36 -4.36 -0.98 -0.44
CA TYR B 36 -3.92 -0.27 -1.63
C TYR B 36 -5.05 -0.09 -2.63
N GLN B 37 -4.84 0.86 -3.52
CA GLN B 37 -5.77 1.20 -4.59
C GLN B 37 -5.09 0.88 -5.93
N HIS B 38 -5.69 -0.03 -6.69
CA HIS B 38 -5.11 -0.48 -7.95
C HIS B 38 -6.10 -0.23 -9.08
N LYS B 39 -5.69 0.57 -10.05
CA LYS B 39 -6.51 1.00 -11.18
C LYS B 39 -6.11 0.25 -12.44
N PRO B 40 -6.91 0.36 -13.51
CA PRO B 40 -6.52 -0.26 -14.79
C PRO B 40 -5.21 0.28 -15.33
N GLY B 41 -4.27 -0.62 -15.57
CA GLY B 41 -3.02 -0.29 -16.24
C GLY B 41 -2.14 0.71 -15.51
N LEU B 42 -2.49 1.03 -14.26
CA LEU B 42 -1.75 2.01 -13.47
C LEU B 42 -1.09 1.34 -12.28
N ALA B 43 -0.10 2.03 -11.73
CA ALA B 43 0.61 1.52 -10.57
C ALA B 43 -0.29 1.58 -9.35
N PRO B 44 -0.31 0.52 -8.52
CA PRO B 44 -1.12 0.56 -7.30
C PRO B 44 -0.65 1.66 -6.37
N LYS B 45 -1.62 2.34 -5.75
CA LYS B 45 -1.36 3.42 -4.82
C LYS B 45 -1.74 2.99 -3.40
N LEU B 46 -0.98 3.49 -2.43
CA LEU B 46 -1.31 3.24 -1.03
C LEU B 46 -2.53 4.03 -0.62
N LEU B 47 -3.44 3.37 0.09
CA LEU B 47 -4.56 4.04 0.74
C LEU B 47 -4.41 4.11 2.25
N VAL B 48 -4.14 2.98 2.89
CA VAL B 48 -4.15 2.88 4.34
C VAL B 48 -2.83 2.30 4.81
N TYR B 49 -2.13 3.02 5.67
CA TYR B 49 -0.99 2.52 6.40
C TYR B 49 -1.47 2.07 7.77
N ALA B 50 -0.92 0.96 8.27
CA ALA B 50 -1.40 0.35 9.51
C ALA B 50 -2.93 0.21 9.46
N VAL B 51 -3.63 0.98 10.28
CA VAL B 51 -5.09 1.02 10.25
C VAL B 51 -5.56 2.46 10.40
N SER B 52 -6.53 2.86 9.58
CA SER B 52 -7.16 4.18 9.62
C SER B 52 -6.15 5.31 9.45
N ASN B 53 -4.96 5.01 8.94
CA ASN B 53 -3.89 5.99 8.78
C ASN B 53 -3.74 6.29 7.30
N LEU B 54 -4.14 7.50 6.90
CA LEU B 54 -4.33 7.84 5.50
C LEU B 54 -3.06 8.39 4.87
N GLN B 55 -2.96 8.24 3.56
CA GLN B 55 -1.82 8.73 2.79
C GLN B 55 -2.14 10.08 2.14
N SER B 56 -1.11 10.70 1.59
CA SER B 56 -1.29 11.96 0.88
C SER B 56 -2.13 11.77 -0.37
N GLY B 57 -2.99 12.76 -0.65
CA GLY B 57 -3.87 12.70 -1.79
C GLY B 57 -5.07 11.79 -1.64
N VAL B 58 -5.40 11.39 -0.42
CA VAL B 58 -6.54 10.52 -0.15
C VAL B 58 -7.61 11.35 0.56
N PRO B 59 -8.83 11.40 0.04
CA PRO B 59 -9.88 12.18 0.70
C PRO B 59 -10.25 11.58 2.05
N SER B 60 -10.95 12.39 2.86
CA SER B 60 -11.42 11.92 4.15
C SER B 60 -12.60 10.96 4.04
N ARG B 61 -13.23 10.85 2.87
CA ARG B 61 -14.33 9.91 2.71
C ARG B 61 -13.86 8.47 2.79
N PHE B 62 -12.59 8.19 2.53
CA PHE B 62 -12.03 6.88 2.83
C PHE B 62 -11.66 6.81 4.30
N SER B 63 -11.94 5.65 4.91
CA SER B 63 -11.57 5.42 6.30
C SER B 63 -11.68 3.94 6.64
N GLY B 64 -10.60 3.38 7.21
CA GLY B 64 -10.58 2.00 7.63
C GLY B 64 -10.53 1.87 9.15
N SER B 65 -10.56 0.62 9.59
CA SER B 65 -10.49 0.29 11.02
C SER B 65 -10.28 -1.22 11.13
N GLY B 66 -10.34 -1.72 12.36
CA GLY B 66 -10.20 -3.14 12.61
C GLY B 66 -8.92 -3.45 13.39
N SER B 67 -8.95 -4.61 14.06
CA SER B 67 -7.80 -5.08 14.82
C SER B 67 -7.92 -6.59 14.98
N GLY B 68 -6.77 -7.22 15.20
CA GLY B 68 -6.71 -8.66 15.32
C GLY B 68 -6.70 -9.36 13.98
N THR B 69 -7.81 -10.02 13.63
CA THR B 69 -7.94 -10.70 12.35
C THR B 69 -8.87 -10.00 11.38
N ASP B 70 -9.69 -9.06 11.85
CA ASP B 70 -10.75 -8.46 11.04
C ASP B 70 -10.46 -6.98 10.84
N PHE B 71 -10.34 -6.57 9.58
CA PHE B 71 -10.18 -5.17 9.23
C PHE B 71 -11.10 -4.83 8.06
N THR B 72 -11.62 -3.61 8.07
CA THR B 72 -12.56 -3.16 7.06
C THR B 72 -12.11 -1.82 6.50
N LEU B 73 -12.44 -1.58 5.22
CA LEU B 73 -12.41 -0.26 4.63
C LEU B 73 -13.83 0.21 4.37
N THR B 74 -14.02 1.52 4.47
CA THR B 74 -15.35 2.11 4.29
C THR B 74 -15.23 3.38 3.46
N VAL B 75 -15.89 3.40 2.32
CA VAL B 75 -16.04 4.61 1.51
C VAL B 75 -17.38 5.22 1.86
N SER B 76 -17.36 6.34 2.57
CA SER B 76 -18.59 6.95 3.06
C SER B 76 -19.53 7.29 1.90
N SER B 77 -19.07 8.10 0.97
CA SER B 77 -19.82 8.44 -0.23
C SER B 77 -19.00 7.99 -1.43
N LEU B 78 -19.49 6.97 -2.14
CA LEU B 78 -18.76 6.43 -3.28
C LEU B 78 -18.75 7.43 -4.42
N GLN B 79 -17.57 7.63 -5.01
CA GLN B 79 -17.37 8.50 -6.16
C GLN B 79 -16.85 7.71 -7.34
N PRO B 80 -17.16 8.12 -8.57
CA PRO B 80 -16.76 7.30 -9.74
C PRO B 80 -15.25 7.25 -9.95
N GLU B 81 -14.55 8.36 -9.72
CA GLU B 81 -13.11 8.41 -10.00
C GLU B 81 -12.32 7.42 -9.15
N ASP B 82 -12.89 6.94 -8.04
CA ASP B 82 -12.21 5.98 -7.19
C ASP B 82 -12.18 4.62 -7.86
N PHE B 83 -13.30 3.90 -7.83
CA PHE B 83 -13.45 2.65 -8.58
C PHE B 83 -12.37 1.66 -8.15
N ALA B 84 -11.45 1.32 -9.05
CA ALA B 84 -10.26 0.52 -8.76
C ALA B 84 -10.56 -0.85 -8.15
N THR B 85 -9.50 -1.58 -7.78
CA THR B 85 -9.60 -2.88 -7.13
C THR B 85 -8.65 -2.87 -5.93
N TYR B 86 -9.12 -3.44 -4.82
CA TYR B 86 -8.54 -3.16 -3.50
C TYR B 86 -8.00 -4.43 -2.86
N TYR B 87 -6.84 -4.32 -2.21
CA TYR B 87 -6.13 -5.45 -1.64
C TYR B 87 -5.76 -5.18 -0.18
N CYS B 88 -5.29 -6.23 0.50
CA CYS B 88 -4.76 -6.14 1.85
C CYS B 88 -3.54 -7.05 1.96
N GLN B 89 -2.52 -6.59 2.69
CA GLN B 89 -1.35 -7.42 2.95
C GLN B 89 -1.29 -7.84 4.41
N GLN B 90 -0.53 -8.89 4.67
CA GLN B 90 -0.27 -9.38 6.01
C GLN B 90 1.19 -9.06 6.35
N SER B 91 1.40 -7.82 6.81
CA SER B 91 2.73 -7.27 7.04
C SER B 91 3.37 -7.75 8.33
N TYR B 92 2.91 -8.89 8.88
CA TYR B 92 3.35 -9.32 10.19
C TYR B 92 4.43 -10.40 10.11
N SER B 93 4.25 -11.40 9.25
CA SER B 93 5.24 -12.44 9.06
C SER B 93 6.06 -12.18 7.80
N THR B 94 7.05 -13.03 7.58
CA THR B 94 8.01 -12.88 6.48
C THR B 94 7.44 -13.19 5.08
N PRO B 95 6.44 -14.07 4.92
CA PRO B 95 5.91 -14.28 3.56
C PRO B 95 5.22 -13.06 2.97
N TYR B 96 4.70 -12.16 3.80
CA TYR B 96 4.02 -10.94 3.32
C TYR B 96 2.92 -11.28 2.31
N THR B 97 2.06 -12.22 2.69
CA THR B 97 1.00 -12.66 1.79
C THR B 97 0.01 -11.54 1.53
N PHE B 98 -0.39 -11.39 0.28
CA PHE B 98 -1.30 -10.35 -0.15
C PHE B 98 -2.72 -10.88 -0.27
N GLY B 99 -3.69 -9.99 -0.14
CA GLY B 99 -5.08 -10.38 -0.27
C GLY B 99 -5.43 -10.74 -1.71
N GLN B 100 -6.57 -11.43 -1.85
CA GLN B 100 -7.00 -11.86 -3.17
C GLN B 100 -7.47 -10.68 -4.03
N GLY B 101 -8.06 -9.68 -3.40
CA GLY B 101 -8.54 -8.51 -4.13
C GLY B 101 -10.04 -8.50 -4.21
N THR B 102 -10.62 -7.30 -4.15
CA THR B 102 -12.06 -7.11 -4.23
C THR B 102 -12.36 -6.07 -5.30
N ARG B 103 -13.09 -6.47 -6.33
CA ARG B 103 -13.45 -5.56 -7.39
C ARG B 103 -14.56 -4.62 -6.93
N LEU B 104 -14.39 -3.33 -7.22
CA LEU B 104 -15.41 -2.33 -6.94
C LEU B 104 -16.11 -1.94 -8.24
N GLU B 105 -17.43 -1.94 -8.23
CA GLU B 105 -18.24 -1.59 -9.39
C GLU B 105 -18.96 -0.29 -9.10
N ILE B 106 -18.95 0.64 -10.07
CA ILE B 106 -19.52 1.97 -9.83
C ILE B 106 -21.04 1.89 -9.78
N LYS B 107 -21.65 1.25 -10.76
CA LYS B 107 -23.10 0.99 -10.78
C LYS B 107 -23.91 2.28 -10.57
N ARG B 108 -23.82 3.17 -11.56
CA ARG B 108 -24.51 4.45 -11.42
C ARG B 108 -25.28 4.84 -12.68
N THR B 109 -24.61 5.03 -13.81
CA THR B 109 -25.31 5.38 -15.03
C THR B 109 -25.90 4.14 -15.68
N VAL B 110 -27.12 4.26 -16.18
CA VAL B 110 -27.84 3.15 -16.79
C VAL B 110 -28.20 3.59 -18.21
N ALA B 111 -27.47 3.09 -19.19
CA ALA B 111 -27.68 3.49 -20.58
C ALA B 111 -27.24 2.37 -21.50
N ALA B 112 -27.79 2.38 -22.71
CA ALA B 112 -27.56 1.43 -23.78
C ALA B 112 -26.51 1.95 -24.76
N PRO B 113 -25.80 1.07 -25.45
CA PRO B 113 -24.71 1.52 -26.33
C PRO B 113 -25.18 1.89 -27.73
N SER B 114 -24.41 2.79 -28.35
CA SER B 114 -24.52 3.05 -29.78
C SER B 114 -23.67 2.02 -30.51
N VAL B 115 -24.31 1.24 -31.39
CA VAL B 115 -23.71 0.03 -31.96
C VAL B 115 -23.26 0.31 -33.38
N PHE B 116 -22.01 -0.05 -33.68
CA PHE B 116 -21.44 0.08 -35.01
C PHE B 116 -20.90 -1.27 -35.47
N ILE B 117 -20.71 -1.40 -36.78
CA ILE B 117 -20.20 -2.62 -37.38
C ILE B 117 -19.18 -2.25 -38.44
N PHE B 118 -18.19 -3.13 -38.63
CA PHE B 118 -17.10 -2.88 -39.57
C PHE B 118 -16.87 -4.13 -40.41
N PRO B 119 -16.94 -4.02 -41.74
CA PRO B 119 -16.68 -5.20 -42.59
C PRO B 119 -15.20 -5.48 -42.68
N PRO B 120 -14.82 -6.69 -43.10
CA PRO B 120 -13.38 -6.99 -43.26
C PRO B 120 -12.78 -6.18 -44.39
N SER B 121 -11.60 -5.62 -44.12
CA SER B 121 -10.87 -4.90 -45.16
C SER B 121 -10.42 -5.86 -46.25
N ASP B 122 -10.30 -5.34 -47.48
CA ASP B 122 -9.87 -6.17 -48.59
C ASP B 122 -8.42 -6.62 -48.42
N GLU B 123 -7.62 -5.86 -47.66
CA GLU B 123 -6.25 -6.29 -47.37
C GLU B 123 -6.24 -7.62 -46.63
N GLN B 124 -7.15 -7.78 -45.66
CA GLN B 124 -7.20 -9.02 -44.89
C GLN B 124 -7.86 -10.13 -45.70
N LEU B 125 -8.88 -9.80 -46.49
CA LEU B 125 -9.55 -10.81 -47.30
C LEU B 125 -8.60 -11.44 -48.31
N LYS B 126 -7.74 -10.62 -48.92
CA LYS B 126 -6.74 -11.14 -49.85
C LYS B 126 -5.77 -12.09 -49.16
N SER B 127 -5.67 -12.03 -47.83
CA SER B 127 -4.79 -12.89 -47.06
C SER B 127 -5.45 -14.18 -46.59
N GLY B 128 -6.75 -14.34 -46.85
CA GLY B 128 -7.45 -15.58 -46.54
C GLY B 128 -8.17 -15.62 -45.21
N THR B 129 -8.47 -14.48 -44.60
CA THR B 129 -9.18 -14.44 -43.33
C THR B 129 -10.06 -13.21 -43.30
N ALA B 130 -11.26 -13.35 -42.73
CA ALA B 130 -12.21 -12.25 -42.61
C ALA B 130 -12.51 -12.02 -41.13
N SER B 131 -12.28 -10.78 -40.68
CA SER B 131 -12.55 -10.41 -39.29
C SER B 131 -13.56 -9.26 -39.29
N VAL B 132 -14.78 -9.55 -38.84
CA VAL B 132 -15.84 -8.56 -38.71
C VAL B 132 -15.84 -8.06 -37.27
N VAL B 133 -15.96 -6.75 -37.08
CA VAL B 133 -15.89 -6.12 -35.77
C VAL B 133 -17.20 -5.41 -35.50
N CYS B 134 -17.86 -5.78 -34.40
CA CYS B 134 -19.07 -5.13 -33.92
C CYS B 134 -18.71 -4.31 -32.68
N LEU B 135 -19.05 -3.02 -32.71
CA LEU B 135 -18.62 -2.08 -31.69
C LEU B 135 -19.80 -1.65 -30.83
N LEU B 136 -19.61 -1.70 -29.51
CA LEU B 136 -20.58 -1.19 -28.55
C LEU B 136 -19.87 -0.14 -27.69
N ASN B 137 -20.45 1.06 -27.62
CA ASN B 137 -19.79 2.19 -26.98
C ASN B 137 -20.69 2.85 -25.95
N ASN B 138 -20.08 3.22 -24.82
CA ASN B 138 -20.72 4.03 -23.79
C ASN B 138 -22.01 3.40 -23.28
N PHE B 139 -21.90 2.57 -22.24
CA PHE B 139 -22.99 1.69 -21.86
C PHE B 139 -22.72 1.05 -20.50
N TYR B 140 -23.79 0.86 -19.73
CA TYR B 140 -23.79 0.15 -18.46
C TYR B 140 -25.19 -0.41 -18.27
N PRO B 141 -25.36 -1.62 -17.69
CA PRO B 141 -24.36 -2.52 -17.08
C PRO B 141 -23.41 -3.20 -18.05
N ARG B 142 -22.37 -3.82 -17.49
CA ARG B 142 -21.41 -4.56 -18.28
C ARG B 142 -22.06 -5.74 -18.98
N GLU B 143 -23.03 -6.38 -18.33
CA GLU B 143 -23.68 -7.57 -18.87
C GLU B 143 -24.40 -7.27 -20.18
N ALA B 144 -23.86 -7.79 -21.28
CA ALA B 144 -24.46 -7.64 -22.59
C ALA B 144 -24.37 -8.98 -23.32
N LYS B 145 -25.04 -9.07 -24.46
CA LYS B 145 -25.08 -10.29 -25.25
C LYS B 145 -25.06 -9.91 -26.72
N VAL B 146 -23.97 -10.24 -27.40
CA VAL B 146 -23.79 -9.92 -28.82
C VAL B 146 -23.84 -11.23 -29.60
N GLN B 147 -24.88 -11.40 -30.40
CA GLN B 147 -25.08 -12.60 -31.20
C GLN B 147 -24.76 -12.30 -32.66
N TRP B 148 -24.12 -13.25 -33.33
CA TRP B 148 -23.75 -13.11 -34.73
C TRP B 148 -24.67 -13.94 -35.61
N LYS B 149 -25.08 -13.38 -36.75
CA LYS B 149 -25.95 -14.04 -37.70
C LYS B 149 -25.35 -13.90 -39.10
N VAL B 150 -25.10 -15.03 -39.75
CA VAL B 150 -24.57 -15.07 -41.11
C VAL B 150 -25.65 -15.68 -41.99
N ASP B 151 -26.28 -14.84 -42.82
CA ASP B 151 -27.49 -15.23 -43.56
C ASP B 151 -28.53 -15.80 -42.62
N ASN B 152 -28.72 -15.10 -41.49
CA ASN B 152 -29.66 -15.48 -40.44
C ASN B 152 -29.33 -16.85 -39.84
N ALA B 153 -28.04 -17.12 -39.64
CA ALA B 153 -27.59 -18.33 -38.97
C ALA B 153 -26.86 -17.92 -37.69
N LEU B 154 -27.39 -18.35 -36.56
CA LEU B 154 -26.78 -18.03 -35.26
C LEU B 154 -25.38 -18.61 -35.21
N GLN B 155 -24.39 -17.74 -34.97
CA GLN B 155 -22.99 -18.13 -34.97
C GLN B 155 -22.50 -18.33 -33.53
N SER B 156 -21.63 -19.32 -33.36
CA SER B 156 -21.07 -19.62 -32.05
C SER B 156 -19.76 -20.36 -32.24
N GLY B 157 -18.87 -20.20 -31.26
CA GLY B 157 -17.57 -20.85 -31.30
C GLY B 157 -16.56 -20.23 -32.25
N ASN B 158 -16.94 -19.17 -32.97
CA ASN B 158 -16.03 -18.51 -33.90
C ASN B 158 -15.95 -17.01 -33.66
N SER B 159 -16.24 -16.56 -32.43
CA SER B 159 -16.25 -15.15 -32.11
C SER B 159 -15.68 -14.93 -30.71
N GLN B 160 -15.01 -13.79 -30.53
CA GLN B 160 -14.47 -13.39 -29.24
C GLN B 160 -14.81 -11.93 -29.00
N GLU B 161 -14.74 -11.53 -27.73
CA GLU B 161 -15.02 -10.15 -27.37
C GLU B 161 -14.20 -9.78 -26.13
N SER B 162 -14.08 -8.47 -25.92
CA SER B 162 -13.38 -7.94 -24.76
C SER B 162 -14.02 -6.61 -24.38
N VAL B 163 -14.18 -6.39 -23.08
CA VAL B 163 -14.86 -5.21 -22.54
C VAL B 163 -13.81 -4.30 -21.90
N THR B 164 -13.84 -3.03 -22.27
CA THR B 164 -12.96 -2.06 -21.64
C THR B 164 -13.34 -1.84 -20.18
N GLU B 165 -12.35 -1.46 -19.38
CA GLU B 165 -12.62 -1.17 -17.98
C GLU B 165 -13.22 0.22 -17.85
N GLN B 166 -13.82 0.47 -16.69
CA GLN B 166 -14.68 1.64 -16.51
C GLN B 166 -13.97 2.97 -16.73
N ASP B 167 -14.33 3.66 -17.81
CA ASP B 167 -13.91 5.03 -18.03
C ASP B 167 -14.56 5.91 -16.97
N SER B 168 -13.78 6.37 -16.00
CA SER B 168 -14.35 7.06 -14.83
C SER B 168 -15.03 8.37 -15.19
N LYS B 169 -14.69 8.98 -16.33
CA LYS B 169 -15.29 10.26 -16.69
C LYS B 169 -16.79 10.13 -16.91
N ASP B 170 -17.21 9.05 -17.57
CA ASP B 170 -18.62 8.80 -17.83
C ASP B 170 -19.14 7.52 -17.20
N SER B 171 -18.27 6.73 -16.55
CA SER B 171 -18.66 5.49 -15.89
C SER B 171 -19.34 4.52 -16.85
N THR B 172 -18.86 4.50 -18.09
CA THR B 172 -19.40 3.62 -19.11
C THR B 172 -18.34 2.61 -19.54
N TYR B 173 -18.79 1.57 -20.25
CA TYR B 173 -17.90 0.60 -20.86
C TYR B 173 -17.95 0.71 -22.38
N SER B 174 -17.09 -0.06 -23.02
CA SER B 174 -17.10 -0.23 -24.46
C SER B 174 -16.77 -1.68 -24.77
N LEU B 175 -17.50 -2.26 -25.71
CA LEU B 175 -17.38 -3.67 -26.04
C LEU B 175 -17.08 -3.84 -27.52
N SER B 176 -16.09 -4.67 -27.84
CA SER B 176 -15.73 -4.99 -29.21
C SER B 176 -15.77 -6.50 -29.39
N SER B 177 -16.34 -6.94 -30.51
CA SER B 177 -16.46 -8.36 -30.82
C SER B 177 -15.92 -8.61 -32.22
N THR B 178 -15.06 -9.61 -32.35
CA THR B 178 -14.38 -9.92 -33.61
C THR B 178 -14.80 -11.31 -34.08
N LEU B 179 -15.62 -11.34 -35.13
CA LEU B 179 -16.00 -12.60 -35.78
C LEU B 179 -14.95 -12.94 -36.83
N THR B 180 -14.38 -14.13 -36.74
CA THR B 180 -13.31 -14.55 -37.63
C THR B 180 -13.79 -15.68 -38.53
N LEU B 181 -13.60 -15.51 -39.84
CA LEU B 181 -14.00 -16.51 -40.83
C LEU B 181 -12.93 -16.58 -41.92
N SER B 182 -12.82 -17.76 -42.53
CA SER B 182 -11.92 -17.92 -43.66
C SER B 182 -12.45 -17.19 -44.88
N LYS B 183 -11.57 -16.96 -45.86
CA LYS B 183 -11.97 -16.27 -47.08
C LYS B 183 -13.05 -17.05 -47.82
N ALA B 184 -12.93 -18.37 -47.86
CA ALA B 184 -13.92 -19.19 -48.56
C ALA B 184 -15.29 -19.11 -47.88
N ASP B 185 -15.31 -19.12 -46.55
CA ASP B 185 -16.57 -19.00 -45.83
C ASP B 185 -17.15 -17.60 -45.91
N TYR B 186 -16.33 -16.57 -46.14
CA TYR B 186 -16.81 -15.21 -46.15
C TYR B 186 -17.59 -14.91 -47.44
N GLU B 187 -16.97 -15.15 -48.60
CA GLU B 187 -17.62 -14.84 -49.86
C GLU B 187 -18.75 -15.81 -50.21
N LYS B 188 -18.89 -16.90 -49.46
CA LYS B 188 -19.94 -17.87 -49.75
C LYS B 188 -21.31 -17.39 -49.27
N HIS B 189 -21.35 -16.46 -48.32
CA HIS B 189 -22.58 -15.92 -47.75
C HIS B 189 -22.71 -14.44 -48.08
N LYS B 190 -23.82 -13.84 -47.65
CA LYS B 190 -24.13 -12.48 -48.09
C LYS B 190 -24.46 -11.55 -46.93
N VAL B 191 -25.28 -11.99 -45.99
CA VAL B 191 -25.78 -11.14 -44.92
C VAL B 191 -25.02 -11.45 -43.64
N TYR B 192 -24.38 -10.45 -43.05
CA TYR B 192 -23.74 -10.55 -41.75
C TYR B 192 -24.24 -9.42 -40.85
N ALA B 193 -24.45 -9.76 -39.58
CA ALA B 193 -24.99 -8.80 -38.62
C ALA B 193 -24.64 -9.27 -37.22
N CYS B 194 -24.60 -8.31 -36.29
CA CYS B 194 -24.42 -8.58 -34.87
C CYS B 194 -25.68 -8.14 -34.12
N GLU B 195 -26.34 -9.10 -33.47
CA GLU B 195 -27.57 -8.84 -32.74
C GLU B 195 -27.24 -8.57 -31.28
N VAL B 196 -27.64 -7.40 -30.79
CA VAL B 196 -27.29 -6.96 -29.44
C VAL B 196 -28.55 -6.99 -28.58
N THR B 197 -28.47 -7.68 -27.44
CA THR B 197 -29.52 -7.68 -26.43
C THR B 197 -28.90 -7.23 -25.11
N HIS B 198 -29.60 -6.33 -24.42
CA HIS B 198 -29.02 -5.69 -23.24
C HIS B 198 -30.17 -5.11 -22.41
N GLN B 199 -29.88 -4.90 -21.12
CA GLN B 199 -30.87 -4.32 -20.22
C GLN B 199 -31.39 -2.99 -20.77
N GLY B 200 -30.50 -2.07 -21.11
CA GLY B 200 -30.91 -0.77 -21.59
C GLY B 200 -31.58 -0.81 -22.95
N LEU B 201 -31.49 -1.93 -23.65
CA LEU B 201 -32.11 -2.07 -24.96
C LEU B 201 -33.56 -2.47 -24.80
N SER B 202 -34.48 -1.60 -25.24
CA SER B 202 -35.89 -1.93 -25.19
C SER B 202 -36.22 -3.12 -26.08
N SER B 203 -35.58 -3.20 -27.24
CA SER B 203 -35.73 -4.31 -28.17
C SER B 203 -34.36 -4.67 -28.70
N PRO B 204 -34.15 -5.93 -29.09
CA PRO B 204 -32.85 -6.34 -29.64
C PRO B 204 -32.49 -5.53 -30.88
N VAL B 205 -31.28 -4.99 -30.89
CA VAL B 205 -30.80 -4.10 -31.94
C VAL B 205 -29.90 -4.88 -32.89
N THR B 206 -30.00 -4.58 -34.18
CA THR B 206 -29.25 -5.29 -35.20
C THR B 206 -28.70 -4.29 -36.23
N LYS B 207 -27.38 -4.34 -36.45
CA LYS B 207 -26.73 -3.59 -37.51
C LYS B 207 -26.11 -4.58 -38.50
N SER B 208 -26.28 -4.31 -39.79
CA SER B 208 -25.93 -5.29 -40.80
C SER B 208 -25.38 -4.62 -42.04
N PHE B 209 -24.63 -5.40 -42.81
CA PHE B 209 -24.22 -5.08 -44.17
C PHE B 209 -24.51 -6.29 -45.05
N ASN B 210 -24.44 -6.10 -46.37
CA ASN B 210 -25.00 -7.07 -47.29
C ASN B 210 -24.10 -7.27 -48.51
N ARG B 211 -22.81 -7.52 -48.27
CA ARG B 211 -21.89 -7.91 -49.32
C ARG B 211 -20.79 -8.79 -48.74
N GLY B 212 -20.40 -9.80 -49.50
CA GLY B 212 -19.37 -10.73 -49.06
C GLY B 212 -19.54 -12.11 -49.68
N GLN C 1 10.26 14.79 -7.25
CA GLN C 1 9.30 13.71 -7.10
C GLN C 1 10.00 12.36 -7.15
N VAL C 2 9.23 11.28 -7.12
CA VAL C 2 9.77 9.92 -7.12
C VAL C 2 8.97 9.06 -8.07
N GLN C 3 9.67 8.29 -8.91
CA GLN C 3 9.03 7.38 -9.85
C GLN C 3 9.92 6.18 -10.08
N LEU C 4 9.32 5.07 -10.50
CA LEU C 4 10.05 3.83 -10.74
C LEU C 4 9.77 3.33 -12.15
N GLN C 5 10.77 2.63 -12.71
CA GLN C 5 10.72 2.22 -14.11
C GLN C 5 11.37 0.84 -14.23
N GLU C 6 10.53 -0.20 -14.30
CA GLU C 6 11.01 -1.55 -14.59
C GLU C 6 11.41 -1.69 -16.05
N SER C 7 12.50 -2.42 -16.29
CA SER C 7 13.00 -2.61 -17.64
C SER C 7 13.50 -4.04 -17.79
N GLY C 8 13.09 -4.70 -18.86
CA GLY C 8 13.50 -6.06 -19.12
C GLY C 8 12.76 -6.68 -20.30
N PRO C 9 12.99 -7.96 -20.53
CA PRO C 9 12.36 -8.62 -21.69
C PRO C 9 10.87 -8.81 -21.48
N GLY C 10 10.16 -8.96 -22.59
CA GLY C 10 8.74 -9.21 -22.56
C GLY C 10 8.40 -10.68 -22.67
N LEU C 11 9.35 -11.47 -23.19
CA LEU C 11 9.16 -12.90 -23.36
C LEU C 11 10.44 -13.63 -22.96
N VAL C 12 10.29 -14.71 -22.19
CA VAL C 12 11.40 -15.56 -21.79
C VAL C 12 11.00 -17.00 -22.03
N LYS C 13 11.84 -17.73 -22.76
CA LYS C 13 11.54 -19.13 -23.03
C LYS C 13 11.70 -19.96 -21.74
N PRO C 14 10.96 -21.06 -21.62
CA PRO C 14 10.99 -21.83 -20.37
C PRO C 14 12.38 -22.34 -20.03
N SER C 15 12.58 -22.57 -18.73
CA SER C 15 13.82 -23.06 -18.11
C SER C 15 14.96 -22.04 -18.16
N GLU C 16 14.74 -20.85 -18.72
CA GLU C 16 15.76 -19.83 -18.77
C GLU C 16 15.71 -19.05 -17.46
N THR C 17 16.40 -17.90 -17.40
CA THR C 17 16.46 -17.08 -16.20
C THR C 17 16.00 -15.67 -16.54
N LEU C 18 14.90 -15.24 -15.91
CA LEU C 18 14.42 -13.87 -16.08
C LEU C 18 15.38 -12.89 -15.43
N SER C 19 15.43 -11.68 -15.98
CA SER C 19 16.27 -10.62 -15.42
C SER C 19 15.65 -9.28 -15.79
N LEU C 20 15.00 -8.64 -14.82
CA LEU C 20 14.43 -7.32 -14.97
C LEU C 20 15.25 -6.33 -14.16
N THR C 21 15.07 -5.04 -14.44
CA THR C 21 15.86 -3.99 -13.79
C THR C 21 14.98 -2.79 -13.50
N CYS C 22 14.88 -2.42 -12.23
CA CYS C 22 14.17 -1.22 -11.78
C CYS C 22 15.17 -0.08 -11.61
N THR C 23 14.65 1.15 -11.61
CA THR C 23 15.49 2.34 -11.64
C THR C 23 15.04 3.35 -10.59
N VAL C 24 16.02 3.96 -9.92
CA VAL C 24 15.76 5.01 -8.95
C VAL C 24 15.64 6.35 -9.68
N SER C 25 14.66 7.16 -9.27
CA SER C 25 14.47 8.48 -9.85
C SER C 25 15.18 9.55 -9.04
N GLY C 26 14.41 10.34 -8.29
CA GLY C 26 14.99 11.40 -7.48
C GLY C 26 14.60 11.32 -6.02
N GLY C 27 14.95 10.22 -5.37
CA GLY C 27 14.64 10.04 -3.97
C GLY C 27 15.82 9.43 -3.23
N SER C 28 15.94 9.80 -1.96
CA SER C 28 17.01 9.29 -1.13
C SER C 28 16.83 7.80 -0.86
N LEU C 29 17.93 7.15 -0.51
CA LEU C 29 17.92 5.71 -0.27
C LEU C 29 17.83 5.43 1.23
N SER C 30 18.98 5.16 1.86
CA SER C 30 19.10 5.06 3.31
C SER C 30 18.25 3.94 3.91
N ILE C 31 17.09 4.30 4.46
CA ILE C 31 16.26 3.33 5.18
C ILE C 31 15.27 2.60 4.28
N TYR C 32 15.08 3.08 3.05
CA TYR C 32 14.20 2.39 2.09
C TYR C 32 14.63 0.95 1.91
N TYR C 33 13.64 0.06 1.80
CA TYR C 33 13.85 -1.26 1.23
C TYR C 33 13.19 -1.34 -0.13
N TRP C 34 13.59 -2.34 -0.91
CA TRP C 34 13.30 -2.40 -2.34
C TRP C 34 12.77 -3.79 -2.67
N SER C 35 11.45 -3.90 -2.87
CA SER C 35 10.81 -5.17 -3.15
C SER C 35 10.18 -5.15 -4.53
N TRP C 36 10.03 -6.35 -5.10
CA TRP C 36 9.23 -6.56 -6.29
C TRP C 36 8.09 -7.52 -5.98
N VAL C 37 6.97 -7.33 -6.67
CA VAL C 37 5.84 -8.23 -6.59
C VAL C 37 5.35 -8.48 -8.01
N ARG C 38 4.88 -9.70 -8.26
CA ARG C 38 4.40 -10.11 -9.58
C ARG C 38 2.88 -10.30 -9.53
N GLN C 39 2.18 -9.56 -10.38
CA GLN C 39 0.73 -9.71 -10.49
C GLN C 39 0.42 -10.78 -11.52
N SER C 40 -0.31 -11.80 -11.09
CA SER C 40 -0.75 -12.89 -11.96
C SER C 40 -1.91 -12.38 -12.81
N PRO C 41 -2.45 -13.21 -13.73
CA PRO C 41 -3.61 -12.74 -14.50
C PRO C 41 -4.79 -12.30 -13.63
N GLY C 42 -5.16 -13.10 -12.64
CA GLY C 42 -6.20 -12.73 -11.71
C GLY C 42 -6.03 -13.45 -10.39
N LYS C 43 -4.93 -14.20 -10.28
CA LYS C 43 -4.68 -15.00 -9.08
C LYS C 43 -4.47 -14.13 -7.84
N GLY C 44 -3.94 -12.92 -8.02
CA GLY C 44 -3.67 -12.05 -6.91
C GLY C 44 -2.20 -11.75 -6.75
N LEU C 45 -1.88 -10.62 -6.12
CA LEU C 45 -0.51 -10.18 -6.00
C LEU C 45 0.30 -11.14 -5.13
N GLU C 46 1.52 -11.43 -5.56
CA GLU C 46 2.45 -12.28 -4.81
C GLU C 46 3.73 -11.51 -4.54
N TRP C 47 4.16 -11.51 -3.28
CA TRP C 47 5.38 -10.85 -2.87
C TRP C 47 6.58 -11.74 -3.15
N ILE C 48 7.69 -11.13 -3.57
CA ILE C 48 8.88 -11.86 -4.03
C ILE C 48 10.02 -11.76 -3.03
N GLY C 49 10.46 -10.55 -2.70
CA GLY C 49 11.60 -10.37 -1.82
C GLY C 49 12.10 -8.95 -1.82
N TYR C 50 12.91 -8.56 -0.84
CA TYR C 50 13.26 -7.16 -0.69
C TYR C 50 14.61 -7.01 0.00
N ILE C 51 15.38 -6.01 -0.45
CA ILE C 51 16.75 -5.79 -0.02
C ILE C 51 16.84 -4.44 0.68
N SER C 52 17.63 -4.39 1.75
CA SER C 52 17.97 -3.13 2.40
C SER C 52 19.03 -2.39 1.61
N ASN C 53 19.23 -1.11 1.97
CA ASN C 53 20.31 -0.34 1.33
C ASN C 53 21.68 -0.93 1.66
N SER C 54 21.79 -1.71 2.75
CA SER C 54 23.05 -2.37 3.05
C SER C 54 23.31 -3.54 2.12
N GLY C 55 22.26 -4.20 1.64
CA GLY C 55 22.41 -5.31 0.72
C GLY C 55 22.05 -6.67 1.29
N SER C 56 21.16 -6.69 2.28
CA SER C 56 20.76 -7.93 2.93
C SER C 56 19.39 -8.36 2.41
N PRO C 57 19.31 -9.38 1.57
CA PRO C 57 18.01 -9.78 1.00
C PRO C 57 17.33 -10.87 1.80
N THR C 58 16.01 -10.98 1.58
CA THR C 58 15.19 -12.08 2.08
C THR C 58 14.22 -12.46 0.97
N TYR C 59 14.17 -13.75 0.63
CA TYR C 59 13.31 -14.17 -0.47
C TYR C 59 11.88 -14.32 0.04
N HIS C 60 11.00 -14.80 -0.83
CA HIS C 60 9.71 -15.34 -0.43
C HIS C 60 9.81 -16.85 -0.45
N PRO C 61 9.53 -17.54 0.66
CA PRO C 61 9.81 -18.98 0.72
C PRO C 61 9.09 -19.81 -0.32
N SER C 62 8.04 -19.27 -0.97
CA SER C 62 7.40 -20.00 -2.06
C SER C 62 8.39 -20.29 -3.19
N LEU C 63 9.34 -19.39 -3.42
CA LEU C 63 10.38 -19.58 -4.43
C LEU C 63 11.63 -20.02 -3.67
N LYS C 64 11.90 -21.33 -3.71
CA LYS C 64 12.84 -21.94 -2.78
C LYS C 64 14.25 -21.39 -2.96
N SER C 65 14.80 -21.50 -4.18
CA SER C 65 16.10 -20.94 -4.49
C SER C 65 16.07 -20.18 -5.80
N ARG C 66 14.88 -19.82 -6.28
CA ARG C 66 14.69 -19.34 -7.63
C ARG C 66 14.91 -17.84 -7.79
N VAL C 67 14.98 -17.09 -6.69
CA VAL C 67 15.10 -15.63 -6.74
C VAL C 67 16.45 -15.22 -6.20
N THR C 68 17.11 -14.31 -6.91
CA THR C 68 18.33 -13.66 -6.45
C THR C 68 18.24 -12.20 -6.82
N ILE C 69 18.11 -11.34 -5.82
CA ILE C 69 17.96 -9.90 -6.04
C ILE C 69 19.30 -9.24 -5.71
N SER C 70 19.63 -8.18 -6.45
CA SER C 70 20.91 -7.49 -6.31
C SER C 70 20.68 -6.00 -6.17
N LEU C 71 21.76 -5.28 -5.85
CA LEU C 71 21.70 -3.83 -5.65
C LEU C 71 23.04 -3.22 -6.05
N ASP C 72 22.98 -2.02 -6.63
CA ASP C 72 24.18 -1.29 -7.00
C ASP C 72 23.86 0.20 -6.91
N THR C 73 24.38 0.85 -5.87
CA THR C 73 24.10 2.27 -5.65
C THR C 73 24.85 3.18 -6.60
N SER C 74 25.84 2.66 -7.33
CA SER C 74 26.59 3.51 -8.26
C SER C 74 25.72 3.98 -9.41
N LYS C 75 24.91 3.09 -9.97
CA LYS C 75 23.98 3.44 -11.04
C LYS C 75 22.57 3.72 -10.51
N SER C 76 22.36 3.64 -9.20
CA SER C 76 21.04 3.79 -8.59
C SER C 76 20.03 2.83 -9.23
N GLN C 77 20.49 1.62 -9.54
CA GLN C 77 19.66 0.59 -10.12
C GLN C 77 19.80 -0.69 -9.30
N PHE C 78 18.77 -1.52 -9.35
CA PHE C 78 18.79 -2.80 -8.65
C PHE C 78 17.90 -3.77 -9.41
N SER C 79 18.39 -4.99 -9.58
CA SER C 79 17.76 -5.98 -10.44
C SER C 79 17.35 -7.20 -9.64
N LEU C 80 16.39 -7.95 -10.19
CA LEU C 80 15.92 -9.19 -9.64
C LEU C 80 16.01 -10.27 -10.71
N LYS C 81 16.43 -11.47 -10.30
CA LYS C 81 16.68 -12.56 -11.24
C LYS C 81 15.88 -13.79 -10.82
N LEU C 82 15.16 -14.37 -11.77
CA LEU C 82 14.36 -15.58 -11.57
C LEU C 82 14.94 -16.69 -12.43
N THR C 83 15.53 -17.70 -11.80
CA THR C 83 16.14 -18.81 -12.52
C THR C 83 15.09 -19.89 -12.80
N SER C 84 15.44 -20.82 -13.70
CA SER C 84 14.63 -22.01 -13.98
C SER C 84 13.15 -21.69 -14.10
N VAL C 85 12.84 -20.70 -14.94
CA VAL C 85 11.47 -20.23 -15.07
C VAL C 85 10.63 -21.27 -15.79
N THR C 86 9.37 -21.41 -15.38
CA THR C 86 8.41 -22.30 -16.00
C THR C 86 7.14 -21.52 -16.32
N ALA C 87 6.20 -22.20 -16.98
CA ALA C 87 4.99 -21.53 -17.46
C ALA C 87 4.18 -20.91 -16.34
N ALA C 88 4.35 -21.37 -15.09
CA ALA C 88 3.64 -20.80 -13.96
C ALA C 88 4.14 -19.41 -13.58
N ASP C 89 5.15 -18.89 -14.28
CA ASP C 89 5.76 -17.61 -13.93
C ASP C 89 5.27 -16.45 -14.79
N THR C 90 4.33 -16.70 -15.70
CA THR C 90 3.74 -15.61 -16.47
C THR C 90 3.01 -14.65 -15.53
N ALA C 91 3.44 -13.40 -15.50
CA ALA C 91 2.87 -12.43 -14.58
C ALA C 91 3.26 -11.03 -15.03
N LEU C 92 2.73 -10.03 -14.33
CA LEU C 92 3.06 -8.62 -14.53
C LEU C 92 3.84 -8.17 -13.31
N TYR C 93 5.14 -7.89 -13.50
CA TYR C 93 6.03 -7.61 -12.39
C TYR C 93 6.16 -6.11 -12.14
N PHE C 94 6.21 -5.75 -10.86
CA PHE C 94 6.33 -4.38 -10.41
C PHE C 94 7.58 -4.25 -9.54
N CYS C 95 8.06 -3.01 -9.41
CA CYS C 95 9.06 -2.67 -8.40
C CYS C 95 8.53 -1.53 -7.56
N ALA C 96 8.71 -1.64 -6.24
CA ALA C 96 8.10 -0.70 -5.32
C ALA C 96 9.09 -0.31 -4.23
N ARG C 97 8.91 0.89 -3.69
CA ARG C 97 9.75 1.40 -2.62
C ARG C 97 9.12 1.08 -1.27
N GLY C 98 9.73 0.15 -0.54
CA GLY C 98 9.29 -0.16 0.81
C GLY C 98 10.07 0.62 1.84
N VAL C 99 9.37 1.03 2.90
CA VAL C 99 9.96 1.77 4.01
C VAL C 99 9.74 0.96 5.29
N LEU C 100 10.83 0.58 5.94
CA LEU C 100 10.76 -0.23 7.14
C LEU C 100 10.75 0.68 8.37
N GLU C 101 9.68 0.60 9.17
CA GLU C 101 9.54 1.44 10.33
C GLU C 101 9.08 0.61 11.52
N GLN C 102 9.33 1.15 12.71
CA GLN C 102 8.80 0.64 13.97
C GLN C 102 7.87 1.72 14.53
N LEU C 103 6.57 1.53 14.41
CA LEU C 103 5.65 2.56 14.88
C LEU C 103 5.69 2.65 16.41
N ALA C 104 5.44 3.86 16.90
CA ALA C 104 5.49 4.10 18.35
C ALA C 104 4.46 3.31 19.14
N PRO C 105 3.16 3.33 18.81
CA PRO C 105 2.19 2.70 19.73
C PRO C 105 2.47 1.23 20.00
N ASP C 106 2.71 0.45 18.95
CA ASP C 106 3.04 -0.96 19.08
C ASP C 106 4.43 -1.20 18.56
N PHE C 107 5.30 -1.71 19.42
CA PHE C 107 6.66 -2.09 19.04
C PHE C 107 6.78 -3.56 18.69
N ASP C 108 5.65 -4.29 18.62
CA ASP C 108 5.72 -5.74 18.65
C ASP C 108 6.37 -6.32 17.40
N SER C 109 6.21 -5.67 16.24
CA SER C 109 6.86 -6.13 15.02
C SER C 109 6.90 -4.99 14.02
N TYR C 110 7.59 -5.24 12.91
CA TYR C 110 7.89 -4.19 11.95
C TYR C 110 6.71 -3.97 10.99
N TYR C 111 6.58 -2.73 10.53
CA TYR C 111 5.63 -2.35 9.50
C TYR C 111 6.33 -2.20 8.16
N TYR C 112 5.55 -2.19 7.09
CA TYR C 112 6.14 -2.19 5.75
C TYR C 112 5.13 -1.63 4.76
N GLY C 113 5.48 -0.53 4.11
CA GLY C 113 4.60 0.10 3.14
C GLY C 113 5.29 0.36 1.82
N MET C 114 4.58 0.12 0.73
CA MET C 114 5.12 0.20 -0.63
C MET C 114 4.92 1.58 -1.24
N ASN C 115 5.44 2.61 -0.55
CA ASN C 115 5.03 4.00 -0.80
C ASN C 115 5.00 4.32 -2.30
N VAL C 116 6.03 3.94 -3.04
CA VAL C 116 6.12 4.29 -4.46
C VAL C 116 6.08 3.01 -5.29
N TRP C 117 5.47 3.10 -6.47
CA TRP C 117 5.29 1.96 -7.37
C TRP C 117 5.70 2.34 -8.78
N GLY C 118 5.84 1.31 -9.62
CA GLY C 118 6.03 1.48 -11.04
C GLY C 118 4.87 0.89 -11.82
N GLN C 119 4.81 1.24 -13.11
CA GLN C 119 3.65 0.90 -13.92
C GLN C 119 3.53 -0.60 -14.17
N GLY C 120 4.64 -1.25 -14.48
CA GLY C 120 4.61 -2.69 -14.76
C GLY C 120 5.24 -3.05 -16.09
N THR C 121 5.87 -4.22 -16.13
CA THR C 121 6.46 -4.76 -17.34
C THR C 121 5.87 -6.15 -17.58
N THR C 122 5.02 -6.27 -18.60
CA THR C 122 4.38 -7.54 -18.89
C THR C 122 5.42 -8.56 -19.33
N VAL C 123 5.42 -9.72 -18.69
CA VAL C 123 6.37 -10.78 -18.96
C VAL C 123 5.61 -12.09 -19.19
N THR C 124 5.94 -12.78 -20.28
CA THR C 124 5.36 -14.07 -20.61
C THR C 124 6.47 -15.10 -20.66
N VAL C 125 6.19 -16.31 -20.18
CA VAL C 125 7.10 -17.44 -20.26
C VAL C 125 6.43 -18.50 -21.13
N SER C 126 6.85 -18.58 -22.39
CA SER C 126 6.31 -19.54 -23.34
C SER C 126 7.37 -19.87 -24.38
N GLY C 127 7.19 -21.01 -25.05
CA GLY C 127 8.14 -21.44 -26.05
C GLY C 127 7.96 -20.82 -27.41
N ALA C 128 6.74 -20.39 -27.74
CA ALA C 128 6.48 -19.81 -29.05
C ALA C 128 7.26 -18.52 -29.23
N SER C 129 7.77 -18.31 -30.45
CA SER C 129 8.58 -17.14 -30.74
C SER C 129 7.68 -15.93 -31.06
N THR C 130 8.31 -14.76 -31.08
CA THR C 130 7.57 -13.53 -31.32
C THR C 130 7.18 -13.40 -32.79
N LYS C 131 6.18 -12.56 -33.04
CA LYS C 131 5.74 -12.26 -34.39
C LYS C 131 5.13 -10.87 -34.43
N GLY C 132 5.38 -10.15 -35.51
CA GLY C 132 4.81 -8.84 -35.73
C GLY C 132 3.33 -8.93 -36.06
N PRO C 133 2.58 -7.89 -35.70
CA PRO C 133 1.15 -7.89 -35.97
C PRO C 133 0.85 -7.37 -37.37
N SER C 134 -0.40 -7.58 -37.79
CA SER C 134 -0.92 -7.05 -39.04
C SER C 134 -2.03 -6.04 -38.71
N VAL C 135 -1.87 -4.82 -39.20
CA VAL C 135 -2.79 -3.73 -38.88
C VAL C 135 -3.71 -3.53 -40.09
N PHE C 136 -4.99 -3.88 -39.92
CA PHE C 136 -5.96 -3.70 -40.98
C PHE C 136 -6.90 -2.54 -40.66
N PRO C 137 -7.29 -1.75 -41.64
CA PRO C 137 -8.14 -0.58 -41.37
C PRO C 137 -9.58 -0.96 -41.10
N LEU C 138 -10.15 -0.32 -40.08
CA LEU C 138 -11.58 -0.41 -39.80
C LEU C 138 -12.21 0.85 -40.40
N ALA C 139 -12.53 0.77 -41.69
CA ALA C 139 -12.93 1.96 -42.43
C ALA C 139 -14.28 2.47 -41.94
N PRO C 140 -14.40 3.78 -41.68
CA PRO C 140 -15.70 4.31 -41.23
C PRO C 140 -16.71 4.42 -42.36
N SER C 141 -17.45 3.35 -42.61
CA SER C 141 -18.43 3.34 -43.68
C SER C 141 -19.67 4.15 -43.29
N SER C 142 -20.59 4.29 -44.25
CA SER C 142 -21.83 4.99 -43.97
C SER C 142 -22.70 4.23 -42.97
N LYS C 143 -22.60 2.89 -42.96
CA LYS C 143 -23.31 2.07 -41.99
C LYS C 143 -22.67 2.14 -40.60
N SER C 144 -21.49 2.73 -40.48
CA SER C 144 -20.80 2.85 -39.19
C SER C 144 -21.02 4.20 -38.52
N THR C 145 -21.90 5.04 -39.06
CA THR C 145 -22.16 6.37 -38.52
C THR C 145 -23.56 6.42 -37.93
N SER C 146 -23.70 7.12 -36.80
CA SER C 146 -24.99 7.28 -36.11
C SER C 146 -25.21 8.75 -35.80
N GLY C 147 -26.11 9.39 -36.55
CA GLY C 147 -26.53 10.75 -36.26
C GLY C 147 -25.42 11.76 -36.18
N GLY C 148 -24.48 11.70 -37.12
CA GLY C 148 -23.40 12.66 -37.16
C GLY C 148 -22.15 12.27 -36.39
N THR C 149 -22.18 11.15 -35.68
CA THR C 149 -21.02 10.66 -34.93
C THR C 149 -20.50 9.41 -35.62
N ALA C 150 -19.34 9.53 -36.26
CA ALA C 150 -18.71 8.43 -36.95
C ALA C 150 -17.61 7.82 -36.09
N ALA C 151 -17.31 6.55 -36.37
CA ALA C 151 -16.27 5.82 -35.65
C ALA C 151 -15.37 5.10 -36.65
N LEU C 152 -14.07 5.15 -36.38
CA LEU C 152 -13.07 4.49 -37.20
C LEU C 152 -12.00 3.91 -36.29
N GLY C 153 -11.35 2.84 -36.76
CA GLY C 153 -10.36 2.19 -35.93
C GLY C 153 -9.36 1.42 -36.76
N CYS C 154 -8.51 0.68 -36.05
CA CYS C 154 -7.50 -0.17 -36.66
C CYS C 154 -7.50 -1.52 -35.95
N LEU C 155 -7.49 -2.60 -36.72
CA LEU C 155 -7.52 -3.95 -36.19
C LEU C 155 -6.10 -4.49 -36.14
N VAL C 156 -5.51 -4.50 -34.95
CA VAL C 156 -4.18 -5.06 -34.74
C VAL C 156 -4.36 -6.55 -34.42
N LYS C 157 -4.04 -7.41 -35.38
CA LYS C 157 -4.37 -8.82 -35.32
C LYS C 157 -3.11 -9.67 -35.46
N ASP C 158 -3.09 -10.80 -34.72
CA ASP C 158 -2.07 -11.83 -34.85
C ASP C 158 -0.68 -11.32 -34.47
N TYR C 159 -0.38 -11.30 -33.18
CA TYR C 159 0.94 -10.95 -32.70
C TYR C 159 1.22 -11.70 -31.40
N PHE C 160 2.49 -11.67 -30.98
CA PHE C 160 2.92 -12.38 -29.79
C PHE C 160 4.29 -11.88 -29.35
N PRO C 161 4.50 -11.65 -28.05
CA PRO C 161 3.46 -11.68 -27.02
C PRO C 161 2.93 -10.29 -26.67
N GLU C 162 2.29 -10.17 -25.52
CA GLU C 162 1.81 -8.89 -25.04
C GLU C 162 2.97 -8.03 -24.53
N PRO C 163 2.80 -6.71 -24.51
CA PRO C 163 1.67 -5.94 -25.03
C PRO C 163 2.00 -5.16 -26.31
N VAL C 164 1.01 -4.40 -26.80
CA VAL C 164 1.20 -3.46 -27.90
C VAL C 164 0.59 -2.12 -27.50
N THR C 165 1.20 -1.05 -27.99
CA THR C 165 0.74 0.31 -27.72
C THR C 165 0.27 0.93 -29.02
N VAL C 166 -0.97 1.44 -29.01
CA VAL C 166 -1.59 2.02 -30.20
C VAL C 166 -1.92 3.48 -29.92
N SER C 167 -1.53 4.37 -30.83
CA SER C 167 -1.82 5.78 -30.75
C SER C 167 -2.37 6.26 -32.09
N TRP C 168 -2.97 7.45 -32.08
CA TRP C 168 -3.62 8.01 -33.26
C TRP C 168 -3.01 9.36 -33.60
N ASN C 169 -2.67 9.54 -34.87
CA ASN C 169 -2.07 10.79 -35.37
C ASN C 169 -0.85 11.19 -34.55
N SER C 170 0.00 10.19 -34.26
CA SER C 170 1.21 10.39 -33.45
C SER C 170 0.87 10.92 -32.07
N GLY C 171 -0.27 10.48 -31.52
CA GLY C 171 -0.70 10.88 -30.20
C GLY C 171 -1.52 12.15 -30.14
N ALA C 172 -1.81 12.78 -31.28
CA ALA C 172 -2.57 14.03 -31.30
C ALA C 172 -4.08 13.81 -31.25
N LEU C 173 -4.54 12.57 -31.11
CA LEU C 173 -5.96 12.26 -31.05
C LEU C 173 -6.19 11.29 -29.90
N THR C 174 -6.76 11.79 -28.80
CA THR C 174 -7.02 10.99 -27.62
C THR C 174 -8.49 10.95 -27.21
N SER C 175 -9.26 11.98 -27.52
CA SER C 175 -10.66 12.03 -27.11
C SER C 175 -11.47 10.98 -27.87
N GLY C 176 -12.27 10.21 -27.14
CA GLY C 176 -13.08 9.17 -27.74
C GLY C 176 -12.35 7.92 -28.13
N VAL C 177 -11.09 7.77 -27.74
CA VAL C 177 -10.28 6.61 -28.09
C VAL C 177 -10.54 5.51 -27.06
N HIS C 178 -10.92 4.33 -27.54
CA HIS C 178 -11.13 3.16 -26.70
C HIS C 178 -10.34 2.00 -27.29
N THR C 179 -9.17 1.72 -26.72
CA THR C 179 -8.34 0.59 -27.11
C THR C 179 -8.65 -0.58 -26.19
N PHE C 180 -9.22 -1.64 -26.76
CA PHE C 180 -9.70 -2.74 -25.95
C PHE C 180 -8.57 -3.69 -25.58
N PRO C 181 -8.69 -4.40 -24.46
CA PRO C 181 -7.70 -5.43 -24.12
C PRO C 181 -7.71 -6.56 -25.13
N ALA C 182 -6.52 -7.09 -25.40
CA ALA C 182 -6.38 -8.12 -26.43
C ALA C 182 -7.00 -9.43 -25.98
N VAL C 183 -7.35 -10.25 -26.97
CA VAL C 183 -7.90 -11.58 -26.75
C VAL C 183 -6.96 -12.61 -27.36
N LEU C 184 -6.87 -13.76 -26.71
CA LEU C 184 -5.98 -14.84 -27.14
C LEU C 184 -6.81 -15.83 -27.98
N GLN C 185 -6.67 -15.72 -29.29
CA GLN C 185 -7.41 -16.58 -30.21
C GLN C 185 -6.78 -17.97 -30.28
N SER C 186 -7.42 -18.87 -31.01
CA SER C 186 -7.00 -20.28 -31.03
C SER C 186 -5.62 -20.48 -31.65
N SER C 187 -5.14 -19.52 -32.42
CA SER C 187 -3.82 -19.65 -33.05
C SER C 187 -2.67 -19.39 -32.09
N GLY C 188 -2.96 -19.14 -30.80
CA GLY C 188 -1.93 -18.78 -29.85
C GLY C 188 -1.40 -17.38 -29.99
N LEU C 189 -2.04 -16.54 -30.78
CA LEU C 189 -1.63 -15.16 -31.00
C LEU C 189 -2.66 -14.21 -30.41
N TYR C 190 -2.24 -12.97 -30.18
CA TYR C 190 -3.11 -11.95 -29.63
C TYR C 190 -3.71 -11.09 -30.75
N SER C 191 -4.80 -10.41 -30.40
CA SER C 191 -5.50 -9.57 -31.37
C SER C 191 -6.43 -8.62 -30.61
N LEU C 192 -6.30 -7.32 -30.87
CA LEU C 192 -7.17 -6.32 -30.26
C LEU C 192 -7.62 -5.34 -31.34
N SER C 193 -8.40 -4.34 -30.93
CA SER C 193 -8.90 -3.32 -31.82
C SER C 193 -8.92 -1.98 -31.09
N SER C 194 -8.51 -0.93 -31.79
CA SER C 194 -8.45 0.41 -31.24
C SER C 194 -9.26 1.34 -32.12
N VAL C 195 -10.37 1.87 -31.60
CA VAL C 195 -11.26 2.72 -32.36
C VAL C 195 -11.29 4.11 -31.72
N VAL C 196 -11.93 5.05 -32.43
CA VAL C 196 -12.07 6.43 -31.96
C VAL C 196 -13.32 7.01 -32.58
N THR C 197 -14.13 7.70 -31.76
CA THR C 197 -15.35 8.33 -32.22
C THR C 197 -15.06 9.79 -32.56
N VAL C 198 -15.34 10.17 -33.80
CA VAL C 198 -15.06 11.52 -34.29
C VAL C 198 -16.32 12.06 -34.95
N PRO C 199 -16.44 13.39 -35.08
CA PRO C 199 -17.57 13.95 -35.81
C PRO C 199 -17.53 13.53 -37.29
N SER C 200 -18.69 13.14 -37.81
CA SER C 200 -18.77 12.65 -39.19
C SER C 200 -18.48 13.74 -40.20
N SER C 201 -18.59 15.02 -39.83
CA SER C 201 -18.29 16.09 -40.76
C SER C 201 -16.80 16.23 -41.02
N SER C 202 -15.95 15.70 -40.15
CA SER C 202 -14.51 15.79 -40.28
C SER C 202 -13.91 14.60 -41.01
N LEU C 203 -14.73 13.74 -41.61
CA LEU C 203 -14.20 12.57 -42.31
C LEU C 203 -13.53 12.98 -43.62
N GLY C 204 -14.20 13.82 -44.41
CA GLY C 204 -13.63 14.27 -45.66
C GLY C 204 -12.57 15.33 -45.52
N THR C 205 -12.16 15.66 -44.29
CA THR C 205 -11.16 16.69 -44.06
C THR C 205 -9.97 16.17 -43.28
N GLN C 206 -10.19 15.54 -42.13
CA GLN C 206 -9.11 15.10 -41.26
C GLN C 206 -8.51 13.78 -41.75
N THR C 207 -7.18 13.71 -41.78
CA THR C 207 -6.48 12.46 -42.03
C THR C 207 -6.25 11.74 -40.71
N TYR C 208 -6.63 10.46 -40.66
CA TYR C 208 -6.62 9.67 -39.43
C TYR C 208 -5.58 8.57 -39.54
N ILE C 209 -4.47 8.73 -38.83
CA ILE C 209 -3.39 7.74 -38.80
C ILE C 209 -3.39 7.06 -37.45
N CYS C 210 -3.25 5.74 -37.45
CA CYS C 210 -3.07 4.97 -36.23
C CYS C 210 -1.66 4.40 -36.20
N ASN C 211 -0.99 4.54 -35.06
CA ASN C 211 0.40 4.14 -34.92
C ASN C 211 0.51 3.08 -33.84
N VAL C 212 1.20 1.98 -34.15
CA VAL C 212 1.29 0.82 -33.27
C VAL C 212 2.76 0.49 -33.05
N ASN C 213 3.11 0.20 -31.79
CA ASN C 213 4.43 -0.26 -31.43
C ASN C 213 4.34 -1.58 -30.69
N HIS C 214 5.23 -2.51 -31.04
CA HIS C 214 5.31 -3.82 -30.39
C HIS C 214 6.78 -4.04 -30.02
N LYS C 215 7.10 -3.84 -28.74
CA LYS C 215 8.48 -3.98 -28.30
C LYS C 215 9.06 -5.37 -28.52
N PRO C 216 8.34 -6.48 -28.23
CA PRO C 216 8.90 -7.81 -28.54
C PRO C 216 9.17 -8.03 -30.02
N SER C 217 8.14 -7.95 -30.87
CA SER C 217 8.31 -8.20 -32.29
C SER C 217 9.16 -7.15 -32.98
N ASN C 218 9.46 -6.02 -32.31
CA ASN C 218 10.44 -5.04 -32.77
C ASN C 218 9.98 -4.36 -34.06
N THR C 219 8.71 -3.94 -34.08
CA THR C 219 8.11 -3.37 -35.28
C THR C 219 7.36 -2.10 -34.91
N LYS C 220 7.37 -1.13 -35.83
CA LYS C 220 6.69 0.14 -35.66
C LYS C 220 5.89 0.41 -36.93
N VAL C 221 4.57 0.54 -36.79
CA VAL C 221 3.65 0.56 -37.93
C VAL C 221 2.80 1.83 -37.88
N ASP C 222 2.73 2.54 -39.00
CA ASP C 222 1.80 3.63 -39.20
C ASP C 222 0.79 3.24 -40.28
N LYS C 223 -0.48 3.56 -40.04
CA LYS C 223 -1.55 3.13 -40.94
C LYS C 223 -2.66 4.17 -40.88
N ARG C 224 -2.79 4.99 -41.92
CA ARG C 224 -3.88 5.94 -41.99
C ARG C 224 -5.09 5.32 -42.66
N VAL C 225 -6.27 5.65 -42.15
CA VAL C 225 -7.53 5.02 -42.56
C VAL C 225 -8.39 6.07 -43.26
N GLU C 226 -8.82 5.74 -44.47
CA GLU C 226 -9.77 6.56 -45.21
C GLU C 226 -10.94 5.67 -45.65
N PRO C 227 -12.17 6.10 -45.45
CA PRO C 227 -13.32 5.25 -45.77
C PRO C 227 -13.52 5.10 -47.26
N LYS C 228 -14.14 3.99 -47.64
CA LYS C 228 -14.51 3.72 -49.02
C LYS C 228 -15.53 2.59 -49.10
C1 NAG D . 7.90 26.74 26.97
C2 NAG D . 8.52 28.06 27.38
C3 NAG D . 8.92 28.02 28.85
C4 NAG D . 7.72 27.61 29.72
C5 NAG D . 7.08 26.32 29.18
C6 NAG D . 5.80 25.95 29.88
C7 NAG D . 9.95 29.64 26.18
C8 NAG D . 11.18 29.81 25.32
N2 NAG D . 9.67 28.39 26.56
O3 NAG D . 9.39 29.30 29.25
O4 NAG D . 8.15 27.37 31.05
O5 NAG D . 6.77 26.46 27.78
O6 NAG D . 5.19 24.83 29.28
O7 NAG D . 9.26 30.60 26.50
C1 NAG D . 7.85 28.51 31.90
C2 NAG D . 7.50 27.99 33.29
C3 NAG D . 7.23 29.17 34.24
C4 NAG D . 8.42 30.13 34.23
C5 NAG D . 8.76 30.55 32.80
C6 NAG D . 10.02 31.39 32.72
C7 NAG D . 6.42 25.80 33.49
C8 NAG D . 5.12 25.04 33.40
N2 NAG D . 6.35 27.12 33.25
O3 NAG D . 7.01 28.68 35.55
O4 NAG D . 8.11 31.29 35.00
O5 NAG D . 8.98 29.39 31.99
O6 NAG D . 9.71 32.76 32.50
O7 NAG D . 7.47 25.25 33.77
C1 BMA D . 8.91 31.33 36.19
C2 BMA D . 9.19 32.83 36.52
C3 BMA D . 9.88 32.96 37.88
C4 BMA D . 9.15 32.16 38.96
C5 BMA D . 8.99 30.70 38.51
C6 BMA D . 8.25 29.84 39.52
O2 BMA D . 7.99 33.58 36.60
O3 BMA D . 10.00 34.31 38.28
O4 BMA D . 9.88 32.20 40.18
O5 BMA D . 8.24 30.69 37.28
O6 BMA D . 8.34 28.48 39.12
C1 NAG E . -10.34 5.39 24.83
C2 NAG E . -11.41 6.32 25.41
C3 NAG E . -12.76 6.06 24.74
C4 NAG E . -12.64 6.11 23.22
C5 NAG E . -11.52 5.19 22.74
C6 NAG E . -11.24 5.30 21.26
C7 NAG E . -10.89 6.99 27.71
C8 NAG E . -11.12 6.68 29.17
N2 NAG E . -11.51 6.17 26.85
O3 NAG E . -13.70 7.03 25.18
O4 NAG E . -13.87 5.69 22.65
O5 NAG E . -10.29 5.52 23.41
O6 NAG E . -10.86 6.62 20.89
O7 NAG E . -10.20 7.92 27.34
C1 NAG E . -14.43 6.77 21.85
C2 NAG E . -15.73 6.26 21.24
C3 NAG E . -16.32 7.35 20.33
C4 NAG E . -16.43 8.68 21.06
C5 NAG E . -15.15 9.03 21.83
C6 NAG E . -15.34 10.20 22.78
C7 NAG E . -15.85 3.83 20.98
C8 NAG E . -15.58 2.66 20.09
N2 NAG E . -15.52 5.04 20.50
O3 NAG E . -17.61 6.91 19.90
O4 NAG E . -16.60 9.71 20.10
O5 NAG E . -14.69 7.93 22.62
O6 NAG E . -14.22 10.35 23.65
O7 NAG E . -16.35 3.69 22.10
C1 BMA E . -17.97 10.02 19.77
C2 BMA E . -17.97 11.46 19.20
C3 BMA E . -19.30 11.81 18.57
C4 BMA E . -19.78 10.71 17.62
C5 BMA E . -19.83 9.37 18.37
C6 BMA E . -20.27 8.22 17.48
O2 BMA E . -16.98 11.58 18.18
O3 BMA E . -19.24 13.06 17.88
O4 BMA E . -21.09 11.02 17.13
O5 BMA E . -18.50 9.08 18.83
O6 BMA E . -20.03 7.00 18.16
#